data_7ET1
#
_entry.id   7ET1
#
_cell.length_a   1.00
_cell.length_b   1.00
_cell.length_c   1.00
_cell.angle_alpha   90.00
_cell.angle_beta   90.00
_cell.angle_gamma   90.00
#
_symmetry.space_group_name_H-M   'P 1'
#
loop_
_entity.id
_entity.type
_entity.pdbx_description
1 polymer 'Sodium/potassium-transporting ATPase subunit alpha'
2 polymer 'Potassium-transporting ATPase subunit beta'
3 non-polymer 'MAGNESIUM ION'
4 non-polymer 1,2-DIOLEOYL-SN-GLYCERO-3-PHOSPHOCHOLINE
5 non-polymer 'POTASSIUM ION'
6 non-polymer 'TETRAFLUOROALUMINATE ION'
7 non-polymer CHOLESTEROL
8 non-polymer 2-acetamido-2-deoxy-beta-D-glucopyranose
9 water water
#
loop_
_entity_poly.entity_id
_entity_poly.type
_entity_poly.pdbx_seq_one_letter_code
_entity_poly.pdbx_strand_id
1 'polypeptide(L)'
;AMEINDHQLSVAELEQKYQTSATKGLSASLAAELLLRDGPNALRPPRGTPEYVKFARQLAGGLQCLMWVAAAICLIAFAI
QASEGDLTTDDNLYLALALIAVVVVTGCFGYYQEFKSTNIIASFKNLVPQQATVIRDGDKFQINADQLVVGDLVEMKGGD
RVPADIRILQAQGCKVDNSSLTGESEPQTRSPECTHESPLETRNIAFFSTMCLEGTAQGLVVNTGDRTIIGRIASLASGV
ENEKTPIAIEIEHFVDIIAGLAILFGATFFIVAMCIGYTFLRAMVFFMAIVVANVPEGLLATVTVCLSLTAKRLASKNCV
VKNLEAVETLGSTSVICSDKTGTLTQNRMTVSHLWFDNHIHSADTTEDQSGQTFDQSSETWRALCRVLTLCNRAAFKSGQ
DAVPVPKRIVIGDASETALLKFSELTLGNAMGYRERFPKVCEIPFNSTNKFQLSIHTLEDPRDPRHVLVMKGAPERVLER
CSSILIKGQELPLDEQWREAFQTAYLSLGGLGERVLGFCQLYLSEKDYPPGYAFDVEAMNFPTSGLCFAGLVSMIDPPRA
TVPDAVLKCRTAGIRVIMVTGDHPITAKAIAASVGIISEGSETVEDIAARLRVPVDQVNRKDARACVINGMQLKDMDPSE
LVEALRTHPEMVFARTSPQQKLVIVESCQRLGAIVAVTGDGVNDSPALKKADIGVAMGIAGSDAAKNAADMILLDDNFAS
IVTGVEQGRLIFDNLKKSIAYTLTSNIPELTPWLIYITVSVPLPLGCITILFIDLCTDIFPSVSLAYEKAESDIMHLRPR
NPKRDRLVNEPLAAYSYFQIGAIQSFAGFTDYFTAMAQEGWFPLLCVGLRPQWENHHLQDLQDSYGQEWTFGQRLYQQYT
CYTVFFISIVMCQIADVLIRKTRRLSAFQQGFFRNRILVIAIVFQVCIGCFLCYCPGMPNIFNFMPIRFQWWLVPMPFSL
LIFVYDEIRKLGVRCCPGSWWDQELYY
;
A
2 'polypeptide(L)'
;MLGRTLSRWVWISLYYVAFYVVMSGIFALCIYVLMRTIDPYTPDYQDQLKSPGVTLRPDVYGEKGLDISYNVSDSTTWAG
LAHTLHRFLAGYSPAAQEGSINCTSEKYFFQESFLAPNHTKFSCKFTADMLQNCSGRPDPTFGFAEGKPCFIIKMNRIVK
FLPGNSTAPRVDCAFLDQPRDGPPLQVEYFPANGTYSLHYFPYYGKKAQPHYSNPLVAAKLLNVPRNRDVVIVCKILAEH
VSFDNPHDPYEGKVEFKLKIQK
;
B
#
# COMPACT_ATOMS: atom_id res chain seq x y z
N ALA A 1 32.48 5.53 23.64
CA ALA A 1 32.97 5.35 22.28
C ALA A 1 34.45 5.73 22.17
N MET A 2 35.29 4.73 21.91
CA MET A 2 36.73 4.93 21.79
C MET A 2 37.20 4.36 20.45
N GLU A 3 38.19 5.02 19.85
CA GLU A 3 38.79 4.54 18.61
C GLU A 3 40.06 3.76 18.93
N ILE A 4 40.33 2.73 18.12
CA ILE A 4 41.49 1.88 18.35
C ILE A 4 42.74 2.61 17.90
N ASN A 5 43.71 2.75 18.80
CA ASN A 5 45.03 3.28 18.50
C ASN A 5 46.11 2.51 19.25
N ASP A 6 45.76 1.37 19.86
CA ASP A 6 46.69 0.55 20.61
C ASP A 6 47.63 -0.24 19.71
N HIS A 7 47.31 -0.37 18.42
CA HIS A 7 48.14 -1.16 17.52
C HIS A 7 49.52 -0.54 17.37
N GLN A 8 49.62 0.79 17.53
CA GLN A 8 50.92 1.44 17.44
C GLN A 8 51.71 1.33 18.74
N LEU A 9 51.03 1.11 19.86
CA LEU A 9 51.72 1.05 21.14
C LEU A 9 52.55 -0.21 21.24
N SER A 10 53.67 -0.13 21.95
CA SER A 10 54.51 -1.30 22.17
C SER A 10 53.99 -2.11 23.35
N VAL A 11 54.70 -3.20 23.64
CA VAL A 11 54.29 -4.10 24.71
C VAL A 11 54.32 -3.37 26.05
N ALA A 12 55.36 -2.56 26.29
CA ALA A 12 55.46 -1.84 27.55
C ALA A 12 54.33 -0.85 27.72
N GLU A 13 54.00 -0.12 26.65
CA GLU A 13 52.91 0.85 26.73
C GLU A 13 51.58 0.16 26.95
N LEU A 14 51.36 -0.99 26.30
CA LEU A 14 50.15 -1.76 26.55
C LEU A 14 50.07 -2.24 27.98
N GLU A 15 51.21 -2.70 28.52
CA GLU A 15 51.24 -3.16 29.90
C GLU A 15 50.89 -2.03 30.86
N GLN A 16 51.48 -0.86 30.65
CA GLN A 16 51.18 0.28 31.51
C GLN A 16 49.71 0.69 31.38
N LYS A 17 49.19 0.69 30.15
CA LYS A 17 47.80 1.13 29.93
C LYS A 17 46.80 0.19 30.60
N TYR A 18 46.88 -1.10 30.30
CA TYR A 18 45.86 -2.04 30.75
C TYR A 18 46.20 -2.74 32.05
N GLN A 19 47.36 -2.43 32.64
CA GLN A 19 47.83 -3.09 33.86
C GLN A 19 47.75 -4.61 33.72
N THR A 20 48.20 -5.08 32.57
CA THR A 20 48.20 -6.49 32.21
C THR A 20 49.63 -6.95 32.05
N SER A 21 49.80 -8.24 31.80
CA SER A 21 51.12 -8.83 31.58
C SER A 21 51.13 -9.50 30.21
N ALA A 22 52.21 -9.28 29.46
CA ALA A 22 52.29 -9.81 28.10
C ALA A 22 52.25 -11.33 28.06
N THR A 23 52.59 -12.00 29.16
CA THR A 23 52.57 -13.46 29.23
C THR A 23 51.65 -13.98 30.32
N LYS A 24 51.63 -13.34 31.48
CA LYS A 24 50.76 -13.79 32.57
C LYS A 24 49.30 -13.45 32.29
N GLY A 25 49.03 -12.26 31.80
CA GLY A 25 47.66 -11.82 31.61
C GLY A 25 47.13 -11.00 32.78
N LEU A 26 45.81 -11.01 32.90
CA LEU A 26 45.12 -10.31 33.96
C LEU A 26 44.98 -11.20 35.20
N SER A 27 44.97 -10.56 36.37
CA SER A 27 44.66 -11.27 37.60
C SER A 27 43.16 -11.47 37.71
N ALA A 28 42.76 -12.53 38.42
CA ALA A 28 41.36 -12.92 38.46
C ALA A 28 40.49 -11.86 39.16
N SER A 29 40.97 -11.31 40.27
CA SER A 29 40.20 -10.29 40.97
C SER A 29 40.03 -9.05 40.10
N LEU A 30 41.10 -8.60 39.45
CA LEU A 30 41.00 -7.46 38.56
C LEU A 30 40.07 -7.75 37.40
N ALA A 31 40.11 -8.98 36.87
CA ALA A 31 39.23 -9.36 35.78
C ALA A 31 37.77 -9.31 36.21
N ALA A 32 37.48 -9.77 37.43
CA ALA A 32 36.11 -9.73 37.92
C ALA A 32 35.65 -8.29 38.14
N GLU A 33 36.52 -7.44 38.68
CA GLU A 33 36.17 -6.03 38.86
C GLU A 33 35.91 -5.36 37.51
N LEU A 34 36.76 -5.64 36.51
CA LEU A 34 36.58 -5.06 35.19
C LEU A 34 35.34 -5.60 34.51
N LEU A 35 35.00 -6.87 34.76
CA LEU A 35 33.73 -7.40 34.25
C LEU A 35 32.56 -6.66 34.86
N LEU A 36 32.58 -6.45 36.18
CA LEU A 36 31.53 -5.71 36.85
C LEU A 36 31.42 -4.29 36.29
N ARG A 37 32.56 -3.69 35.95
CA ARG A 37 32.60 -2.33 35.42
C ARG A 37 32.07 -2.22 34.00
N ASP A 38 32.67 -2.96 33.07
CA ASP A 38 32.38 -2.79 31.64
C ASP A 38 31.21 -3.63 31.17
N GLY A 39 30.70 -4.55 31.99
CA GLY A 39 29.68 -5.46 31.55
C GLY A 39 30.31 -6.65 30.84
N PRO A 40 29.49 -7.48 30.21
CA PRO A 40 30.02 -8.66 29.52
C PRO A 40 30.63 -8.28 28.18
N ASN A 41 31.16 -9.31 27.51
CA ASN A 41 31.67 -9.16 26.14
C ASN A 41 30.60 -9.68 25.17
N ALA A 42 29.46 -8.99 25.18
CA ALA A 42 28.31 -9.41 24.39
C ALA A 42 27.52 -8.17 23.96
N LEU A 43 26.90 -8.28 22.78
CA LEU A 43 26.19 -7.14 22.20
C LEU A 43 24.81 -6.99 22.83
N ARG A 44 24.43 -5.74 23.09
CA ARG A 44 23.17 -5.43 23.74
C ARG A 44 22.09 -5.24 22.69
N PRO A 45 21.06 -6.09 22.65
CA PRO A 45 20.03 -5.95 21.64
C PRO A 45 19.01 -4.91 22.05
N PRO A 46 18.76 -3.90 21.21
CA PRO A 46 17.76 -2.89 21.55
C PRO A 46 16.38 -3.49 21.73
N ARG A 47 15.65 -3.00 22.73
CA ARG A 47 14.31 -3.51 22.99
C ARG A 47 13.39 -3.25 21.82
N GLY A 48 13.48 -2.06 21.23
CA GLY A 48 12.58 -1.68 20.16
C GLY A 48 11.31 -1.03 20.69
N THR A 49 10.21 -1.35 20.01
CA THR A 49 8.89 -0.86 20.38
C THR A 49 7.92 -2.03 20.49
N PRO A 50 6.91 -1.95 21.33
CA PRO A 50 5.94 -3.05 21.44
C PRO A 50 5.03 -3.13 20.23
N GLU A 51 4.51 -4.34 19.98
CA GLU A 51 3.55 -4.54 18.90
C GLU A 51 2.30 -3.68 19.09
N TYR A 52 1.72 -3.74 20.29
CA TYR A 52 0.44 -3.10 20.52
C TYR A 52 0.55 -1.58 20.48
N VAL A 53 1.70 -1.04 20.85
CA VAL A 53 1.91 0.41 20.79
C VAL A 53 1.90 0.88 19.33
N LYS A 54 2.57 0.12 18.46
CA LYS A 54 2.52 0.46 17.04
C LYS A 54 1.10 0.32 16.49
N PHE A 55 0.38 -0.71 16.94
CA PHE A 55 -1.03 -0.84 16.56
C PHE A 55 -1.84 0.38 16.99
N ALA A 56 -1.58 0.92 18.17
CA ALA A 56 -2.35 2.06 18.65
C ALA A 56 -2.15 3.27 17.75
N ARG A 57 -0.93 3.47 17.24
CA ARG A 57 -0.70 4.55 16.27
C ARG A 57 -1.53 4.36 15.00
N GLN A 58 -1.83 3.10 14.65
CA GLN A 58 -2.59 2.85 13.43
C GLN A 58 -4.03 3.32 13.55
N LEU A 59 -4.60 3.23 14.76
CA LEU A 59 -5.95 3.72 15.00
C LEU A 59 -6.03 5.23 15.08
N ALA A 60 -4.98 5.91 14.65
CA ALA A 60 -4.94 7.37 14.56
C ALA A 60 -4.52 7.77 13.15
N GLY A 61 -4.72 9.03 12.84
CA GLY A 61 -4.51 9.57 11.51
C GLY A 61 -5.59 10.58 11.21
N GLY A 62 -5.52 11.14 10.01
CA GLY A 62 -6.56 12.08 9.61
C GLY A 62 -7.94 11.45 9.50
N LEU A 63 -8.05 10.44 8.64
CA LEU A 63 -9.34 9.77 8.44
C LEU A 63 -9.78 9.04 9.70
N GLN A 64 -8.84 8.41 10.40
CA GLN A 64 -9.15 7.75 11.66
C GLN A 64 -9.73 8.72 12.67
N CYS A 65 -9.08 9.88 12.84
CA CYS A 65 -9.55 10.85 13.83
C CYS A 65 -10.89 11.45 13.43
N LEU A 66 -11.09 11.67 12.12
CA LEU A 66 -12.38 12.15 11.66
C LEU A 66 -13.48 11.14 11.97
N MET A 67 -13.21 9.84 11.77
CA MET A 67 -14.23 8.84 12.05
C MET A 67 -14.48 8.70 13.55
N TRP A 68 -13.44 8.87 14.37
CA TRP A 68 -13.66 8.91 15.81
C TRP A 68 -14.57 10.08 16.19
N VAL A 69 -14.33 11.25 15.60
CA VAL A 69 -15.16 12.41 15.92
C VAL A 69 -16.59 12.19 15.44
N ALA A 70 -16.76 11.58 14.28
CA ALA A 70 -18.09 11.34 13.74
C ALA A 70 -18.86 10.34 14.59
N ALA A 71 -18.19 9.27 15.03
CA ALA A 71 -18.84 8.33 15.95
C ALA A 71 -19.16 8.99 17.28
N ALA A 72 -18.30 9.90 17.74
CA ALA A 72 -18.61 10.63 18.96
C ALA A 72 -19.87 11.47 18.80
N ILE A 73 -20.01 12.17 17.67
CA ILE A 73 -21.23 12.94 17.42
C ILE A 73 -22.44 12.01 17.39
N CYS A 74 -22.32 10.87 16.70
CA CYS A 74 -23.46 9.96 16.61
C CYS A 74 -23.89 9.47 17.98
N LEU A 75 -22.92 9.05 18.81
CA LEU A 75 -23.23 8.55 20.14
C LEU A 75 -23.84 9.63 21.03
N ILE A 76 -23.30 10.84 20.96
CA ILE A 76 -23.86 11.95 21.74
C ILE A 76 -25.29 12.23 21.32
N ALA A 77 -25.54 12.26 20.00
CA ALA A 77 -26.89 12.50 19.50
C ALA A 77 -27.85 11.42 19.96
N PHE A 78 -27.43 10.16 19.88
CA PHE A 78 -28.29 9.06 20.30
C PHE A 78 -28.58 9.13 21.79
N ALA A 79 -27.56 9.43 22.59
CA ALA A 79 -27.75 9.51 24.04
C ALA A 79 -28.70 10.64 24.42
N ILE A 80 -28.52 11.81 23.81
CA ILE A 80 -29.40 12.93 24.14
C ILE A 80 -30.82 12.63 23.69
N GLN A 81 -30.98 12.09 22.49
CA GLN A 81 -32.32 11.77 21.98
C GLN A 81 -33.00 10.75 22.88
N ALA A 82 -32.26 9.72 23.29
CA ALA A 82 -32.84 8.69 24.15
C ALA A 82 -33.16 9.23 25.54
N SER A 83 -32.34 10.15 26.05
CA SER A 83 -32.55 10.68 27.39
C SER A 83 -33.89 11.40 27.48
N GLU A 84 -34.36 11.95 26.36
CA GLU A 84 -35.70 12.50 26.25
C GLU A 84 -36.77 11.44 26.04
N GLY A 85 -36.37 10.18 25.87
CA GLY A 85 -37.32 9.10 25.69
C GLY A 85 -37.54 8.65 24.26
N ASP A 86 -37.05 9.39 23.27
CA ASP A 86 -37.17 8.96 21.88
C ASP A 86 -36.15 7.87 21.60
N LEU A 87 -36.60 6.76 21.02
CA LEU A 87 -35.72 5.65 20.68
C LEU A 87 -35.76 5.32 19.19
N THR A 88 -36.31 6.20 18.36
CA THR A 88 -36.47 5.90 16.93
C THR A 88 -35.16 5.93 16.16
N THR A 89 -34.09 6.54 16.70
CA THR A 89 -32.84 6.69 15.98
C THR A 89 -31.81 5.64 16.38
N ASP A 90 -32.24 4.41 16.61
CA ASP A 90 -31.30 3.29 16.75
C ASP A 90 -30.31 3.25 15.60
N ASP A 91 -30.70 3.82 14.45
CA ASP A 91 -29.78 3.98 13.33
C ASP A 91 -28.54 4.78 13.71
N ASN A 92 -28.68 5.75 14.61
CA ASN A 92 -27.51 6.51 15.05
C ASN A 92 -26.51 5.60 15.75
N LEU A 93 -27.00 4.70 16.61
CA LEU A 93 -26.12 3.76 17.30
C LEU A 93 -25.50 2.78 16.32
N TYR A 94 -26.29 2.29 15.37
CA TYR A 94 -25.72 1.38 14.36
C TYR A 94 -24.66 2.08 13.53
N LEU A 95 -24.89 3.35 13.18
CA LEU A 95 -23.88 4.13 12.48
C LEU A 95 -22.60 4.25 13.31
N ALA A 96 -22.76 4.51 14.61
CA ALA A 96 -21.59 4.61 15.49
C ALA A 96 -20.80 3.31 15.50
N LEU A 97 -21.50 2.19 15.64
CA LEU A 97 -20.84 0.89 15.69
C LEU A 97 -20.12 0.60 14.38
N ALA A 98 -20.76 0.93 13.25
CA ALA A 98 -20.15 0.65 11.96
C ALA A 98 -18.94 1.54 11.72
N LEU A 99 -18.99 2.80 12.14
CA LEU A 99 -17.84 3.67 12.00
C LEU A 99 -16.67 3.19 12.87
N ILE A 100 -16.96 2.74 14.08
CA ILE A 100 -15.90 2.18 14.93
C ILE A 100 -15.30 0.94 14.29
N ALA A 101 -16.16 0.10 13.70
CA ALA A 101 -15.67 -1.11 13.03
C ALA A 101 -14.81 -0.74 11.83
N VAL A 102 -15.19 0.28 11.09
CA VAL A 102 -14.39 0.75 9.97
C VAL A 102 -13.03 1.24 10.47
N VAL A 103 -13.03 2.00 11.57
CA VAL A 103 -11.78 2.49 12.13
C VAL A 103 -10.87 1.33 12.52
N VAL A 104 -11.44 0.33 13.19
CA VAL A 104 -10.62 -0.77 13.69
C VAL A 104 -10.09 -1.62 12.54
N VAL A 105 -10.95 -1.91 11.56
CA VAL A 105 -10.49 -2.69 10.41
C VAL A 105 -9.42 -1.93 9.64
N THR A 106 -9.60 -0.62 9.49
CA THR A 106 -8.57 0.20 8.85
C THR A 106 -7.27 0.17 9.64
N GLY A 107 -7.36 0.19 10.97
CA GLY A 107 -6.16 0.09 11.78
C GLY A 107 -5.46 -1.24 11.63
N CYS A 108 -6.23 -2.33 11.57
CA CYS A 108 -5.62 -3.65 11.32
C CYS A 108 -4.94 -3.69 9.96
N PHE A 109 -5.58 -3.11 8.94
CA PHE A 109 -4.97 -3.07 7.61
C PHE A 109 -3.70 -2.25 7.62
N GLY A 110 -3.70 -1.13 8.35
CA GLY A 110 -2.51 -0.31 8.44
C GLY A 110 -1.38 -0.98 9.20
N TYR A 111 -1.70 -1.67 10.29
CA TYR A 111 -0.68 -2.41 11.03
C TYR A 111 -0.07 -3.51 10.16
N TYR A 112 -0.92 -4.23 9.41
CA TYR A 112 -0.39 -5.27 8.53
C TYR A 112 0.43 -4.68 7.39
N GLN A 113 0.22 -3.41 7.08
CA GLN A 113 0.92 -2.78 5.98
C GLN A 113 2.38 -2.51 6.31
N GLU A 114 2.67 -2.06 7.53
CA GLU A 114 4.02 -1.69 7.93
C GLU A 114 4.71 -2.76 8.76
N PHE A 115 4.07 -3.92 8.93
CA PHE A 115 4.56 -4.93 9.87
C PHE A 115 5.75 -5.67 9.28
N LYS A 116 6.84 -5.73 10.05
CA LYS A 116 7.96 -6.64 9.82
C LYS A 116 8.00 -7.64 10.96
N SER A 117 8.12 -8.92 10.62
CA SER A 117 8.17 -9.99 11.61
C SER A 117 9.60 -10.38 11.97
N THR A 118 10.61 -9.74 11.38
CA THR A 118 12.00 -10.07 11.62
C THR A 118 12.51 -9.41 12.89
N ASN A 119 13.33 -10.14 13.65
CA ASN A 119 13.86 -9.62 14.90
C ASN A 119 15.07 -8.74 14.67
N ILE A 120 15.81 -8.98 13.59
CA ILE A 120 16.94 -8.15 13.17
C ILE A 120 18.10 -8.23 14.15
N ILE A 121 17.87 -7.79 15.39
CA ILE A 121 18.94 -7.78 16.40
C ILE A 121 19.49 -9.17 16.69
N ALA A 122 18.68 -10.22 16.51
CA ALA A 122 19.09 -11.56 16.89
C ALA A 122 20.12 -12.14 15.91
N SER A 123 20.43 -11.40 14.85
CA SER A 123 21.42 -11.88 13.89
C SER A 123 22.82 -11.86 14.47
N PHE A 124 23.11 -10.91 15.36
CA PHE A 124 24.47 -10.72 15.89
C PHE A 124 24.67 -11.57 17.14
N LYS A 125 24.30 -12.84 17.03
CA LYS A 125 24.62 -13.80 18.08
C LYS A 125 25.24 -15.06 17.49
N ASN A 126 24.90 -15.37 16.23
CA ASN A 126 25.51 -16.53 15.58
C ASN A 126 26.94 -16.24 15.14
N LEU A 127 27.31 -14.95 15.07
CA LEU A 127 28.69 -14.60 14.80
C LEU A 127 29.54 -14.57 16.07
N VAL A 128 28.91 -14.48 17.24
CA VAL A 128 29.66 -14.32 18.48
C VAL A 128 30.18 -15.67 18.93
N PRO A 129 31.47 -15.80 19.24
CA PRO A 129 31.98 -17.07 19.77
C PRO A 129 31.43 -17.35 21.15
N GLN A 130 31.39 -18.63 21.51
CA GLN A 130 30.93 -18.99 22.84
C GLN A 130 32.08 -19.18 23.82
N GLN A 131 33.22 -19.66 23.35
CA GLN A 131 34.31 -20.07 24.24
C GLN A 131 35.57 -19.30 23.87
N ALA A 132 36.39 -19.02 24.88
CA ALA A 132 37.54 -18.15 24.70
C ALA A 132 38.64 -18.55 25.67
N THR A 133 39.80 -18.92 25.13
CA THR A 133 40.91 -19.32 25.97
C THR A 133 41.68 -18.10 26.44
N VAL A 134 41.85 -17.98 27.75
CA VAL A 134 42.41 -16.76 28.34
C VAL A 134 43.48 -17.15 29.36
N ILE A 135 44.54 -16.34 29.42
CA ILE A 135 45.68 -16.61 30.29
C ILE A 135 45.59 -15.66 31.47
N ARG A 136 45.14 -16.17 32.61
CA ARG A 136 45.10 -15.41 33.84
C ARG A 136 46.01 -16.06 34.87
N ASP A 137 46.86 -15.24 35.49
CA ASP A 137 47.86 -15.67 36.46
C ASP A 137 48.82 -16.69 35.87
N GLY A 138 49.02 -16.66 34.55
CA GLY A 138 49.96 -17.54 33.90
C GLY A 138 49.43 -18.91 33.54
N ASP A 139 48.12 -19.13 33.64
CA ASP A 139 47.51 -20.43 33.35
C ASP A 139 46.58 -20.27 32.15
N LYS A 140 46.72 -21.16 31.18
CA LYS A 140 45.82 -21.17 30.03
C LYS A 140 44.62 -22.05 30.35
N PHE A 141 43.46 -21.43 30.56
CA PHE A 141 42.25 -22.14 30.91
C PHE A 141 41.10 -21.61 30.08
N GLN A 142 40.08 -22.43 29.89
CA GLN A 142 38.99 -22.09 28.99
C GLN A 142 37.83 -21.45 29.73
N ILE A 143 37.26 -20.39 29.15
CA ILE A 143 36.11 -19.70 29.71
C ILE A 143 35.20 -19.25 28.58
N ASN A 144 33.98 -18.89 28.94
CA ASN A 144 33.04 -18.36 27.96
C ASN A 144 33.50 -16.98 27.48
N ALA A 145 33.16 -16.67 26.22
CA ALA A 145 33.61 -15.41 25.62
C ALA A 145 32.94 -14.21 26.27
N ASP A 146 31.74 -14.39 26.85
CA ASP A 146 31.06 -13.27 27.49
C ASP A 146 31.87 -12.65 28.62
N GLN A 147 32.79 -13.42 29.22
CA GLN A 147 33.50 -12.97 30.42
C GLN A 147 34.74 -12.13 30.12
N LEU A 148 35.14 -12.01 28.86
CA LEU A 148 36.37 -11.32 28.54
C LEU A 148 36.24 -9.82 28.82
N VAL A 149 37.31 -9.24 29.34
CA VAL A 149 37.41 -7.81 29.61
C VAL A 149 38.72 -7.31 29.03
N VAL A 150 38.83 -5.98 28.88
CA VAL A 150 39.99 -5.42 28.22
C VAL A 150 41.23 -5.67 29.06
N GLY A 151 42.33 -6.03 28.40
CA GLY A 151 43.55 -6.41 29.07
C GLY A 151 43.77 -7.91 29.21
N ASP A 152 42.74 -8.71 28.96
CA ASP A 152 42.90 -10.17 29.02
C ASP A 152 43.83 -10.65 27.92
N LEU A 153 44.75 -11.54 28.27
CA LEU A 153 45.63 -12.15 27.29
C LEU A 153 44.97 -13.40 26.72
N VAL A 154 44.49 -13.30 25.49
CA VAL A 154 43.69 -14.34 24.87
C VAL A 154 44.53 -15.10 23.86
N GLU A 155 44.42 -16.42 23.88
CA GLU A 155 45.02 -17.28 22.88
C GLU A 155 43.92 -17.84 21.99
N MET A 156 44.12 -17.79 20.68
CA MET A 156 43.16 -18.29 19.72
C MET A 156 43.86 -19.21 18.74
N LYS A 157 43.13 -20.19 18.22
CA LYS A 157 43.66 -21.12 17.25
C LYS A 157 42.71 -21.21 16.06
N GLY A 158 43.20 -21.85 14.99
CA GLY A 158 42.45 -21.88 13.76
C GLY A 158 41.10 -22.57 13.92
N GLY A 159 40.12 -22.10 13.16
CA GLY A 159 38.78 -22.64 13.22
C GLY A 159 37.89 -22.02 14.27
N ASP A 160 38.44 -21.19 15.15
CA ASP A 160 37.71 -20.60 16.26
C ASP A 160 37.51 -19.12 16.00
N ARG A 161 36.27 -18.66 16.12
CA ARG A 161 35.98 -17.26 15.91
C ARG A 161 36.67 -16.39 16.96
N VAL A 162 37.24 -15.29 16.50
CA VAL A 162 37.98 -14.40 17.41
C VAL A 162 37.02 -13.83 18.45
N PRO A 163 37.35 -13.88 19.73
CA PRO A 163 36.39 -13.50 20.78
C PRO A 163 36.31 -12.02 21.11
N ALA A 164 37.22 -11.19 20.63
CA ALA A 164 37.15 -9.75 20.83
C ALA A 164 38.18 -9.11 19.93
N ASP A 165 38.10 -7.78 19.82
CA ASP A 165 39.21 -7.04 19.23
C ASP A 165 40.44 -7.25 20.10
N ILE A 166 41.47 -7.83 19.50
CA ILE A 166 42.64 -8.32 20.23
C ILE A 166 43.88 -7.66 19.65
N ARG A 167 44.74 -7.17 20.52
CA ARG A 167 46.06 -6.68 20.11
C ARG A 167 46.97 -7.90 20.06
N ILE A 168 47.27 -8.36 18.86
CA ILE A 168 48.02 -9.60 18.67
C ILE A 168 49.47 -9.38 19.09
N LEU A 169 49.98 -10.27 19.95
CA LEU A 169 51.36 -10.17 20.40
C LEU A 169 52.24 -11.26 19.80
N GLN A 170 51.72 -12.49 19.74
CA GLN A 170 52.45 -13.63 19.21
C GLN A 170 51.62 -14.28 18.11
N ALA A 171 52.27 -14.57 16.98
CA ALA A 171 51.57 -15.12 15.82
C ALA A 171 52.43 -16.17 15.14
N GLN A 172 51.83 -17.29 14.78
CA GLN A 172 52.51 -18.38 14.09
C GLN A 172 51.67 -18.78 12.89
N GLY A 173 51.83 -18.08 11.77
CA GLY A 173 51.05 -18.42 10.59
C GLY A 173 49.56 -18.24 10.76
N CYS A 174 49.13 -17.19 11.44
CA CYS A 174 47.70 -16.95 11.67
C CYS A 174 47.10 -16.21 10.48
N LYS A 175 45.91 -16.64 10.05
CA LYS A 175 45.15 -15.98 9.00
C LYS A 175 43.69 -15.90 9.42
N VAL A 176 43.04 -14.77 9.14
CA VAL A 176 41.68 -14.51 9.61
C VAL A 176 40.78 -14.27 8.41
N ASP A 177 39.47 -14.20 8.68
CA ASP A 177 38.45 -13.94 7.67
C ASP A 177 37.70 -12.67 8.07
N ASN A 178 38.07 -11.55 7.46
CA ASN A 178 37.57 -10.23 7.83
C ASN A 178 36.39 -9.82 6.95
N SER A 179 35.56 -10.80 6.60
CA SER A 179 34.41 -10.52 5.75
C SER A 179 33.38 -9.63 6.43
N SER A 180 33.16 -9.82 7.72
CA SER A 180 32.19 -8.98 8.42
C SER A 180 32.59 -7.51 8.39
N LEU A 181 33.87 -7.23 8.16
CA LEU A 181 34.33 -5.85 8.06
C LEU A 181 34.37 -5.35 6.63
N THR A 182 35.04 -6.10 5.74
CA THR A 182 35.33 -5.57 4.41
C THR A 182 34.48 -6.18 3.30
N GLY A 183 33.75 -7.25 3.57
CA GLY A 183 33.02 -7.95 2.54
C GLY A 183 33.86 -8.93 1.75
N GLU A 184 35.13 -9.10 2.11
CA GLU A 184 36.06 -9.96 1.38
C GLU A 184 36.39 -11.17 2.23
N SER A 185 36.28 -12.36 1.65
CA SER A 185 36.69 -13.58 2.34
C SER A 185 38.14 -13.93 2.09
N GLU A 186 38.86 -13.12 1.32
CA GLU A 186 40.27 -13.37 1.08
C GLU A 186 41.01 -13.41 2.40
N PRO A 187 41.76 -14.47 2.68
CA PRO A 187 42.46 -14.57 3.98
C PRO A 187 43.52 -13.49 4.13
N GLN A 188 43.60 -12.95 5.34
CA GLN A 188 44.50 -11.85 5.68
C GLN A 188 45.47 -12.36 6.73
N THR A 189 46.76 -12.12 6.53
CA THR A 189 47.76 -12.50 7.52
C THR A 189 47.61 -11.67 8.78
N ARG A 190 47.95 -12.25 9.93
CA ARG A 190 48.07 -11.54 11.19
C ARG A 190 49.48 -11.72 11.72
N SER A 191 50.18 -10.61 11.96
CA SER A 191 51.52 -10.60 12.53
C SER A 191 51.64 -9.43 13.49
N PRO A 192 52.50 -9.53 14.50
CA PRO A 192 52.58 -8.47 15.52
C PRO A 192 53.07 -7.12 14.99
N GLU A 193 53.92 -7.08 13.97
CA GLU A 193 54.47 -5.82 13.51
C GLU A 193 53.38 -5.02 12.79
N CYS A 194 53.18 -3.78 13.22
CA CYS A 194 52.16 -2.89 12.68
C CYS A 194 52.47 -2.56 11.22
N THR A 195 51.47 -2.64 10.36
CA THR A 195 51.66 -2.36 8.94
C THR A 195 50.97 -1.10 8.45
N HIS A 196 50.03 -0.54 9.23
CA HIS A 196 49.26 0.60 8.78
C HIS A 196 48.91 1.50 9.96
N GLU A 197 48.66 2.78 9.65
CA GLU A 197 48.23 3.70 10.68
C GLU A 197 46.79 3.43 11.11
N SER A 198 45.89 3.20 10.16
CA SER A 198 44.50 2.97 10.52
C SER A 198 44.36 1.62 11.19
N PRO A 199 43.64 1.53 12.31
CA PRO A 199 43.52 0.25 13.01
C PRO A 199 42.83 -0.82 12.19
N LEU A 200 42.11 -0.44 11.13
CA LEU A 200 41.43 -1.44 10.31
C LEU A 200 42.39 -2.22 9.44
N GLU A 201 43.35 -1.55 8.81
CA GLU A 201 44.19 -2.21 7.81
C GLU A 201 45.46 -2.85 8.39
N THR A 202 45.75 -2.64 9.66
CA THR A 202 46.98 -3.17 10.25
C THR A 202 46.91 -4.69 10.37
N ARG A 203 48.08 -5.32 10.42
CA ARG A 203 48.16 -6.77 10.51
C ARG A 203 48.19 -7.29 11.93
N ASN A 204 48.24 -6.43 12.94
CA ASN A 204 48.36 -6.86 14.33
C ASN A 204 47.10 -6.58 15.14
N ILE A 205 45.93 -6.62 14.52
CA ILE A 205 44.66 -6.37 15.18
C ILE A 205 43.65 -7.39 14.65
N ALA A 206 43.32 -8.37 15.47
CA ALA A 206 42.20 -9.25 15.14
C ALA A 206 40.90 -8.62 15.63
N PHE A 207 39.78 -9.04 15.04
CA PHE A 207 38.50 -8.42 15.30
C PHE A 207 37.50 -9.41 15.87
N PHE A 208 36.63 -8.88 16.73
CA PHE A 208 35.56 -9.67 17.32
C PHE A 208 34.71 -10.31 16.24
N SER A 209 34.49 -11.62 16.36
CA SER A 209 33.59 -12.37 15.49
C SER A 209 34.13 -12.52 14.07
N THR A 210 35.44 -12.68 13.93
CA THR A 210 36.06 -13.00 12.65
C THR A 210 36.65 -14.40 12.71
N MET A 211 36.27 -15.25 11.77
CA MET A 211 36.68 -16.65 11.80
C MET A 211 38.17 -16.80 11.57
N CYS A 212 38.90 -17.27 12.59
CA CYS A 212 40.34 -17.51 12.47
C CYS A 212 40.55 -18.79 11.70
N LEU A 213 41.02 -18.68 10.46
CA LEU A 213 41.07 -19.85 9.58
C LEU A 213 42.11 -20.86 10.08
N GLU A 214 43.37 -20.46 10.14
CA GLU A 214 44.44 -21.41 10.38
C GLU A 214 45.54 -20.76 11.21
N GLY A 215 46.39 -21.62 11.77
CA GLY A 215 47.47 -21.17 12.62
C GLY A 215 47.00 -20.83 14.02
N THR A 216 47.94 -20.40 14.84
CA THR A 216 47.68 -20.02 16.22
C THR A 216 48.27 -18.64 16.48
N ALA A 217 47.57 -17.83 17.26
CA ALA A 217 48.05 -16.50 17.60
C ALA A 217 47.59 -16.12 18.99
N GLN A 218 48.34 -15.22 19.62
CA GLN A 218 48.10 -14.79 20.98
C GLN A 218 47.89 -13.28 21.01
N GLY A 219 47.12 -12.80 21.97
CA GLY A 219 46.89 -11.37 22.03
C GLY A 219 46.20 -10.83 23.26
N LEU A 220 46.29 -9.52 23.45
CA LEU A 220 45.59 -8.84 24.53
C LEU A 220 44.28 -8.27 24.03
N VAL A 221 43.28 -8.21 24.90
CA VAL A 221 41.96 -7.72 24.54
C VAL A 221 41.92 -6.21 24.73
N VAL A 222 41.58 -5.49 23.67
CA VAL A 222 41.56 -4.03 23.76
C VAL A 222 40.12 -3.50 23.79
N ASN A 223 39.18 -4.21 23.18
CA ASN A 223 37.79 -3.80 23.16
C ASN A 223 36.87 -4.99 23.37
N THR A 224 35.80 -4.76 24.12
CA THR A 224 34.80 -5.79 24.39
C THR A 224 33.41 -5.22 24.15
N GLY A 225 32.49 -6.10 23.80
CA GLY A 225 31.09 -5.70 23.67
C GLY A 225 30.88 -4.71 22.54
N ASP A 226 30.01 -3.74 22.78
CA ASP A 226 29.62 -2.77 21.78
C ASP A 226 30.74 -1.80 21.42
N ARG A 227 31.85 -1.82 22.17
CA ARG A 227 32.98 -0.97 21.84
C ARG A 227 33.85 -1.56 20.74
N THR A 228 33.54 -2.77 20.28
CA THR A 228 34.28 -3.41 19.21
C THR A 228 33.81 -2.87 17.86
N ILE A 229 34.55 -3.20 16.80
CA ILE A 229 34.17 -2.78 15.46
C ILE A 229 32.82 -3.38 15.08
N ILE A 230 32.66 -4.69 15.31
CA ILE A 230 31.39 -5.34 15.00
C ILE A 230 30.29 -4.80 15.90
N GLY A 231 30.63 -4.39 17.12
CA GLY A 231 29.64 -3.75 17.98
C GLY A 231 29.17 -2.42 17.44
N ARG A 232 30.10 -1.61 16.92
CA ARG A 232 29.71 -0.36 16.28
C ARG A 232 28.82 -0.61 15.08
N ILE A 233 29.18 -1.60 14.26
CA ILE A 233 28.38 -1.91 13.07
C ILE A 233 26.98 -2.37 13.49
N ALA A 234 26.91 -3.21 14.53
CA ALA A 234 25.62 -3.69 15.01
C ALA A 234 24.78 -2.56 15.58
N SER A 235 25.41 -1.61 16.28
CA SER A 235 24.65 -0.49 16.82
C SER A 235 24.11 0.39 15.71
N LEU A 236 24.93 0.69 14.70
CA LEU A 236 24.44 1.48 13.57
C LEU A 236 23.31 0.75 12.84
N ALA A 237 23.43 -0.57 12.70
CA ALA A 237 22.44 -1.32 11.94
C ALA A 237 21.13 -1.47 12.71
N SER A 238 21.19 -2.09 13.89
CA SER A 238 19.98 -2.27 14.68
C SER A 238 19.38 -0.93 15.06
N GLY A 239 20.16 -0.04 15.67
CA GLY A 239 19.65 1.24 16.08
C GLY A 239 19.93 2.38 15.12
N VAL A 240 18.96 2.65 14.25
CA VAL A 240 19.02 3.75 13.29
C VAL A 240 17.67 4.46 13.33
N GLU A 241 17.67 5.71 12.88
CA GLU A 241 16.44 6.49 12.90
C GLU A 241 15.44 5.90 11.93
N ASN A 242 14.21 5.71 12.39
CA ASN A 242 13.16 5.19 11.52
C ASN A 242 12.82 6.22 10.46
N GLU A 243 12.71 5.75 9.22
CA GLU A 243 12.49 6.64 8.08
C GLU A 243 11.15 6.30 7.43
N LYS A 244 10.37 7.33 7.18
CA LYS A 244 9.09 7.13 6.51
C LYS A 244 9.31 6.79 5.04
N THR A 245 8.55 5.82 4.55
CA THR A 245 8.69 5.38 3.17
C THR A 245 7.96 6.32 2.22
N PRO A 246 8.40 6.40 0.95
CA PRO A 246 7.77 7.36 0.01
C PRO A 246 6.27 7.18 -0.17
N ILE A 247 5.79 5.93 -0.21
CA ILE A 247 4.36 5.71 -0.37
C ILE A 247 3.63 6.15 0.89
N ALA A 248 4.26 5.98 2.06
CA ALA A 248 3.66 6.47 3.30
C ALA A 248 3.57 7.99 3.30
N ILE A 249 4.61 8.66 2.79
CA ILE A 249 4.57 10.12 2.67
C ILE A 249 3.43 10.55 1.77
N GLU A 250 3.28 9.88 0.63
CA GLU A 250 2.22 10.22 -0.31
C GLU A 250 0.84 9.98 0.29
N ILE A 251 0.68 8.88 1.03
CA ILE A 251 -0.60 8.58 1.67
C ILE A 251 -0.95 9.64 2.70
N GLU A 252 0.02 10.04 3.52
CA GLU A 252 -0.25 11.08 4.50
C GLU A 252 -0.58 12.41 3.84
N HIS A 253 0.07 12.72 2.72
CA HIS A 253 -0.24 13.94 1.98
C HIS A 253 -1.70 13.96 1.51
N PHE A 254 -2.13 12.89 0.85
CA PHE A 254 -3.49 12.91 0.33
C PHE A 254 -4.52 12.76 1.44
N VAL A 255 -4.12 12.18 2.58
CA VAL A 255 -4.99 12.22 3.76
C VAL A 255 -5.14 13.65 4.26
N ASP A 256 -4.06 14.43 4.22
CA ASP A 256 -4.16 15.86 4.55
C ASP A 256 -5.15 16.57 3.64
N ILE A 257 -5.08 16.28 2.33
CA ILE A 257 -5.99 16.93 1.39
C ILE A 257 -7.45 16.59 1.73
N ILE A 258 -7.71 15.31 1.96
CA ILE A 258 -9.08 14.88 2.23
C ILE A 258 -9.58 15.44 3.56
N ALA A 259 -8.72 15.43 4.58
CA ALA A 259 -9.09 15.99 5.86
C ALA A 259 -9.39 17.48 5.75
N GLY A 260 -8.58 18.20 4.97
CA GLY A 260 -8.84 19.62 4.78
C GLY A 260 -10.18 19.87 4.12
N LEU A 261 -10.47 19.15 3.04
CA LEU A 261 -11.76 19.34 2.37
C LEU A 261 -12.92 18.95 3.29
N ALA A 262 -12.79 17.86 4.04
CA ALA A 262 -13.86 17.43 4.92
C ALA A 262 -14.14 18.47 6.00
N ILE A 263 -13.08 18.94 6.66
CA ILE A 263 -13.23 19.95 7.70
C ILE A 263 -13.84 21.21 7.11
N LEU A 264 -13.36 21.61 5.93
CA LEU A 264 -13.87 22.81 5.28
C LEU A 264 -15.37 22.72 5.02
N PHE A 265 -15.80 21.63 4.38
CA PHE A 265 -17.21 21.46 4.06
C PHE A 265 -18.03 21.43 5.34
N GLY A 266 -17.61 20.64 6.31
CA GLY A 266 -18.32 20.46 7.55
C GLY A 266 -18.50 21.75 8.32
N ALA A 267 -17.43 22.54 8.47
CA ALA A 267 -17.52 23.78 9.21
C ALA A 267 -18.32 24.82 8.46
N THR A 268 -18.09 24.94 7.14
CA THR A 268 -18.85 25.91 6.35
C THR A 268 -20.34 25.65 6.48
N PHE A 269 -20.75 24.40 6.34
CA PHE A 269 -22.18 24.13 6.36
C PHE A 269 -22.73 24.00 7.77
N PHE A 270 -21.89 23.76 8.77
CA PHE A 270 -22.35 23.94 10.15
C PHE A 270 -22.70 25.40 10.42
N ILE A 271 -21.84 26.31 9.97
CA ILE A 271 -22.15 27.74 10.09
C ILE A 271 -23.43 28.07 9.34
N VAL A 272 -23.56 27.55 8.12
CA VAL A 272 -24.77 27.79 7.34
C VAL A 272 -26.00 27.29 8.09
N ALA A 273 -25.92 26.09 8.66
CA ALA A 273 -27.05 25.55 9.39
C ALA A 273 -27.40 26.40 10.61
N MET A 274 -26.39 26.90 11.32
CA MET A 274 -26.64 27.77 12.46
C MET A 274 -27.33 29.06 12.05
N CYS A 275 -26.89 29.67 10.94
CA CYS A 275 -27.51 30.92 10.52
C CYS A 275 -28.94 30.71 10.04
N ILE A 276 -29.18 29.65 9.24
CA ILE A 276 -30.49 29.49 8.63
C ILE A 276 -31.50 28.83 9.55
N GLY A 277 -31.18 28.65 10.83
CA GLY A 277 -32.21 28.20 11.76
C GLY A 277 -32.27 26.73 12.07
N TYR A 278 -31.15 26.14 12.50
CA TYR A 278 -31.15 24.78 12.98
C TYR A 278 -30.63 24.76 14.41
N THR A 279 -31.07 23.76 15.17
CA THR A 279 -30.55 23.56 16.52
C THR A 279 -29.10 23.09 16.47
N PHE A 280 -28.41 23.20 17.61
CA PHE A 280 -27.01 22.80 17.65
C PHE A 280 -26.88 21.29 17.43
N LEU A 281 -27.76 20.49 18.02
CA LEU A 281 -27.70 19.04 17.83
C LEU A 281 -27.96 18.68 16.37
N ARG A 282 -28.89 19.36 15.72
CA ARG A 282 -29.16 19.09 14.32
C ARG A 282 -27.98 19.47 13.44
N ALA A 283 -27.35 20.62 13.71
CA ALA A 283 -26.19 21.03 12.93
C ALA A 283 -25.02 20.08 13.16
N MET A 284 -24.92 19.51 14.36
CA MET A 284 -23.91 18.51 14.65
C MET A 284 -24.12 17.25 13.84
N VAL A 285 -25.37 16.79 13.74
CA VAL A 285 -25.66 15.62 12.91
C VAL A 285 -25.34 15.93 11.45
N PHE A 286 -25.64 17.15 11.00
CA PHE A 286 -25.26 17.55 9.65
C PHE A 286 -23.75 17.49 9.45
N PHE A 287 -22.99 17.99 10.41
CA PHE A 287 -21.53 17.95 10.31
C PHE A 287 -21.03 16.51 10.25
N MET A 288 -21.62 15.64 11.05
CA MET A 288 -21.29 14.21 10.99
C MET A 288 -21.54 13.66 9.60
N ALA A 289 -22.69 13.98 9.01
CA ALA A 289 -23.01 13.48 7.68
C ALA A 289 -22.00 13.99 6.65
N ILE A 290 -21.63 15.26 6.74
CA ILE A 290 -20.72 15.85 5.77
C ILE A 290 -19.33 15.23 5.90
N VAL A 291 -18.91 14.95 7.13
CA VAL A 291 -17.62 14.29 7.34
C VAL A 291 -17.64 12.87 6.78
N VAL A 292 -18.71 12.13 7.04
CA VAL A 292 -18.80 10.76 6.56
C VAL A 292 -18.82 10.72 5.04
N ALA A 293 -19.52 11.66 4.41
CA ALA A 293 -19.53 11.70 2.95
C ALA A 293 -18.16 12.07 2.40
N ASN A 294 -17.43 12.97 3.06
CA ASN A 294 -16.13 13.40 2.55
C ASN A 294 -15.01 12.38 2.79
N VAL A 295 -15.07 11.60 3.87
CA VAL A 295 -14.01 10.67 4.22
C VAL A 295 -14.16 9.44 3.32
N PRO A 296 -13.07 8.93 2.74
CA PRO A 296 -13.14 7.61 2.09
C PRO A 296 -13.02 6.51 3.14
N GLU A 297 -14.06 5.68 3.25
CA GLU A 297 -14.06 4.63 4.27
C GLU A 297 -13.22 3.42 3.89
N GLY A 298 -13.21 3.03 2.62
CA GLY A 298 -12.52 1.81 2.23
C GLY A 298 -11.22 2.03 1.50
N LEU A 299 -10.84 3.29 1.28
CA LEU A 299 -9.69 3.61 0.45
C LEU A 299 -8.38 3.07 1.01
N LEU A 300 -8.10 3.33 2.29
CA LEU A 300 -6.84 2.88 2.86
C LEU A 300 -6.72 1.36 2.82
N ALA A 301 -7.85 0.67 3.06
CA ALA A 301 -7.88 -0.78 2.95
C ALA A 301 -7.64 -1.26 1.52
N THR A 302 -8.26 -0.60 0.53
CA THR A 302 -8.01 -1.03 -0.85
C THR A 302 -6.58 -0.73 -1.26
N VAL A 303 -5.97 0.31 -0.69
CA VAL A 303 -4.55 0.56 -0.93
C VAL A 303 -3.72 -0.61 -0.41
N THR A 304 -4.03 -1.07 0.80
CA THR A 304 -3.33 -2.23 1.33
C THR A 304 -3.54 -3.47 0.46
N VAL A 305 -4.76 -3.66 -0.05
CA VAL A 305 -5.03 -4.83 -0.87
C VAL A 305 -4.26 -4.77 -2.19
N CYS A 306 -4.18 -3.59 -2.79
CA CYS A 306 -3.38 -3.41 -4.01
C CYS A 306 -1.91 -3.70 -3.73
N LEU A 307 -1.40 -3.24 -2.59
CA LEU A 307 -0.02 -3.53 -2.23
C LEU A 307 0.20 -5.03 -2.04
N SER A 308 -0.77 -5.73 -1.45
CA SER A 308 -0.66 -7.17 -1.30
C SER A 308 -0.60 -7.86 -2.65
N LEU A 309 -1.42 -7.43 -3.60
CA LEU A 309 -1.41 -8.07 -4.92
C LEU A 309 -0.09 -7.83 -5.64
N THR A 310 0.45 -6.61 -5.55
CA THR A 310 1.77 -6.35 -6.12
C THR A 310 2.85 -7.19 -5.45
N ALA A 311 2.76 -7.36 -4.13
CA ALA A 311 3.74 -8.20 -3.43
C ALA A 311 3.65 -9.64 -3.89
N LYS A 312 2.44 -10.13 -4.14
CA LYS A 312 2.26 -11.48 -4.67
C LYS A 312 2.91 -11.62 -6.04
N ARG A 313 2.68 -10.65 -6.92
CA ARG A 313 3.29 -10.72 -8.25
C ARG A 313 4.81 -10.72 -8.17
N LEU A 314 5.37 -9.86 -7.31
CA LEU A 314 6.82 -9.84 -7.13
C LEU A 314 7.34 -11.16 -6.60
N ALA A 315 6.70 -11.70 -5.56
CA ALA A 315 7.20 -12.93 -4.94
C ALA A 315 7.04 -14.12 -5.86
N SER A 316 6.16 -14.02 -6.85
CA SER A 316 6.12 -15.07 -7.87
C SER A 316 7.44 -15.21 -8.62
N LYS A 317 8.31 -14.20 -8.55
CA LYS A 317 9.64 -14.24 -9.15
C LYS A 317 10.74 -14.35 -8.10
N ASN A 318 10.41 -14.97 -6.96
CA ASN A 318 11.32 -15.17 -5.84
C ASN A 318 11.81 -13.87 -5.25
N CYS A 319 11.03 -12.81 -5.43
CA CYS A 319 11.35 -11.49 -4.91
C CYS A 319 10.50 -11.21 -3.67
N VAL A 320 10.87 -11.84 -2.54
CA VAL A 320 10.06 -11.68 -1.34
C VAL A 320 10.33 -10.32 -0.71
N VAL A 321 9.29 -9.73 -0.14
CA VAL A 321 9.37 -8.43 0.51
C VAL A 321 8.98 -8.61 1.96
N LYS A 322 9.35 -7.64 2.79
CA LYS A 322 9.17 -7.79 4.23
C LYS A 322 8.16 -6.84 4.84
N ASN A 323 7.87 -5.73 4.19
CA ASN A 323 6.67 -4.94 4.48
C ASN A 323 6.11 -4.45 3.15
N LEU A 324 4.78 -4.37 3.07
CA LEU A 324 4.14 -4.04 1.80
C LEU A 324 4.52 -2.67 1.27
N GLU A 325 5.00 -1.77 2.12
CA GLU A 325 5.43 -0.46 1.65
C GLU A 325 6.65 -0.58 0.73
N ALA A 326 7.47 -1.60 0.93
CA ALA A 326 8.65 -1.80 0.11
C ALA A 326 8.31 -2.11 -1.34
N VAL A 327 7.07 -2.47 -1.62
CA VAL A 327 6.71 -2.93 -2.96
C VAL A 327 6.77 -1.77 -3.95
N GLU A 328 6.83 -0.54 -3.44
CA GLU A 328 6.74 0.63 -4.30
C GLU A 328 8.05 1.42 -4.41
N THR A 329 8.93 1.35 -3.41
CA THR A 329 10.05 2.29 -3.33
C THR A 329 10.94 2.23 -4.57
N LEU A 330 11.13 1.04 -5.13
CA LEU A 330 12.05 0.90 -6.24
C LEU A 330 11.59 1.68 -7.47
N GLY A 331 10.28 1.70 -7.71
CA GLY A 331 9.77 2.50 -8.81
C GLY A 331 10.07 3.98 -8.65
N SER A 332 10.14 4.46 -7.41
CA SER A 332 10.47 5.85 -7.11
C SER A 332 11.96 6.10 -6.98
N THR A 333 12.77 5.05 -6.93
CA THR A 333 14.19 5.19 -6.66
C THR A 333 14.91 5.88 -7.80
N SER A 334 15.80 6.83 -7.47
CA SER A 334 16.63 7.49 -8.47
C SER A 334 18.12 7.26 -8.27
N VAL A 335 18.52 6.57 -7.19
CA VAL A 335 19.91 6.26 -6.92
C VAL A 335 19.99 4.85 -6.38
N ILE A 336 20.93 4.05 -6.88
CA ILE A 336 21.17 2.71 -6.39
C ILE A 336 22.63 2.64 -5.97
N CYS A 337 22.89 2.74 -4.68
CA CYS A 337 24.21 2.45 -4.13
C CYS A 337 24.34 0.94 -3.95
N SER A 338 25.37 0.35 -4.54
CA SER A 338 25.46 -1.09 -4.67
C SER A 338 26.80 -1.61 -4.15
N ASP A 339 26.76 -2.66 -3.34
CA ASP A 339 27.94 -3.42 -2.94
C ASP A 339 28.45 -4.21 -4.14
N LYS A 340 29.74 -4.56 -4.11
CA LYS A 340 30.36 -5.27 -5.23
C LYS A 340 30.44 -6.77 -5.00
N THR A 341 31.12 -7.19 -3.95
CA THR A 341 31.38 -8.62 -3.72
C THR A 341 30.11 -9.34 -3.27
N GLY A 342 29.65 -10.28 -4.07
CA GLY A 342 28.44 -11.03 -3.81
C GLY A 342 27.20 -10.44 -4.41
N THR A 343 27.15 -9.11 -4.51
CA THR A 343 26.01 -8.44 -5.11
C THR A 343 26.16 -8.38 -6.62
N LEU A 344 27.21 -7.71 -7.10
CA LEU A 344 27.41 -7.59 -8.53
C LEU A 344 28.25 -8.73 -9.10
N THR A 345 28.94 -9.50 -8.26
CA THR A 345 29.73 -10.64 -8.69
C THR A 345 29.30 -11.88 -7.92
N GLN A 346 29.66 -13.05 -8.44
CA GLN A 346 29.28 -14.30 -7.80
C GLN A 346 30.24 -14.73 -6.70
N ASN A 347 31.23 -13.91 -6.36
CA ASN A 347 32.13 -14.18 -5.24
C ASN A 347 32.82 -15.54 -5.38
N ARG A 348 33.32 -15.80 -6.58
CA ARG A 348 34.01 -17.05 -6.89
C ARG A 348 35.11 -16.72 -7.89
N MET A 349 36.36 -16.87 -7.47
CA MET A 349 37.47 -16.72 -8.40
C MET A 349 37.33 -17.73 -9.53
N THR A 350 37.35 -17.23 -10.76
CA THR A 350 37.34 -18.08 -11.95
C THR A 350 38.38 -17.55 -12.93
N VAL A 351 38.76 -18.40 -13.88
CA VAL A 351 39.70 -17.97 -14.91
C VAL A 351 39.08 -16.88 -15.75
N SER A 352 39.81 -15.78 -15.92
CA SER A 352 39.33 -14.63 -16.68
C SER A 352 39.99 -14.55 -18.06
N HIS A 353 41.30 -14.66 -18.11
CA HIS A 353 42.06 -14.53 -19.34
C HIS A 353 43.16 -15.57 -19.39
N LEU A 354 43.61 -15.84 -20.61
CA LEU A 354 44.78 -16.67 -20.84
C LEU A 354 45.66 -15.98 -21.86
N TRP A 355 46.97 -16.01 -21.63
CA TRP A 355 47.94 -15.42 -22.54
C TRP A 355 48.84 -16.50 -23.11
N PHE A 356 48.62 -16.83 -24.38
CA PHE A 356 49.48 -17.75 -25.10
C PHE A 356 49.28 -17.52 -26.59
N ASP A 357 50.24 -17.98 -27.39
CA ASP A 357 50.29 -17.74 -28.83
C ASP A 357 50.43 -16.27 -29.17
N ASN A 358 50.94 -15.47 -28.23
CA ASN A 358 50.94 -14.01 -28.32
C ASN A 358 49.53 -13.45 -28.48
N HIS A 359 48.59 -14.01 -27.76
CA HIS A 359 47.19 -13.59 -27.84
C HIS A 359 46.56 -13.71 -26.46
N ILE A 360 45.69 -12.76 -26.14
CA ILE A 360 44.96 -12.74 -24.89
C ILE A 360 43.58 -13.34 -25.16
N HIS A 361 43.32 -14.50 -24.57
CA HIS A 361 42.07 -15.23 -24.75
C HIS A 361 41.19 -14.94 -23.54
N SER A 362 39.93 -14.58 -23.79
CA SER A 362 38.96 -14.41 -22.72
C SER A 362 38.20 -15.72 -22.53
N ALA A 363 38.28 -16.29 -21.34
CA ALA A 363 37.47 -17.45 -21.03
C ALA A 363 36.13 -17.03 -20.45
N ASP A 364 35.11 -17.84 -20.71
CA ASP A 364 33.77 -17.59 -20.20
C ASP A 364 33.72 -17.78 -18.70
N THR A 365 33.12 -16.81 -17.99
CA THR A 365 33.12 -16.79 -16.55
C THR A 365 31.72 -16.82 -15.93
N THR A 366 30.67 -16.91 -16.74
CA THR A 366 29.32 -16.94 -16.19
C THR A 366 29.07 -18.27 -15.48
N GLU A 367 28.19 -18.23 -14.48
CA GLU A 367 27.96 -19.39 -13.63
C GLU A 367 27.20 -20.51 -14.34
N ASP A 368 26.35 -20.20 -15.31
CA ASP A 368 25.63 -21.22 -16.07
C ASP A 368 26.34 -21.60 -17.37
N GLN A 369 27.51 -21.01 -17.63
CA GLN A 369 28.31 -21.31 -18.81
C GLN A 369 27.50 -21.07 -20.09
N SER A 370 26.75 -19.97 -20.10
CA SER A 370 25.92 -19.58 -21.23
C SER A 370 26.60 -18.52 -22.10
N GLY A 371 27.86 -18.22 -21.85
CA GLY A 371 28.52 -17.12 -22.53
C GLY A 371 29.36 -17.57 -23.72
N GLN A 372 30.14 -16.62 -24.24
CA GLN A 372 31.01 -16.92 -25.36
C GLN A 372 32.27 -17.62 -24.89
N THR A 373 32.67 -18.66 -25.60
CA THR A 373 33.84 -19.44 -25.26
C THR A 373 35.05 -18.98 -26.07
N PHE A 374 36.23 -19.43 -25.65
CA PHE A 374 37.45 -19.06 -26.34
C PHE A 374 37.95 -20.21 -27.21
N ASP A 375 38.89 -19.90 -28.11
CA ASP A 375 39.38 -20.90 -29.04
C ASP A 375 40.30 -21.88 -28.35
N GLN A 376 40.03 -23.18 -28.53
CA GLN A 376 40.69 -24.24 -27.78
C GLN A 376 41.38 -25.23 -28.71
N SER A 377 41.69 -24.82 -29.93
CA SER A 377 42.21 -25.73 -30.94
C SER A 377 43.65 -25.36 -31.30
N SER A 378 44.47 -25.09 -30.29
CA SER A 378 45.87 -24.75 -30.48
C SER A 378 46.72 -25.74 -29.71
N GLU A 379 47.84 -26.14 -30.32
CA GLU A 379 48.74 -27.11 -29.70
C GLU A 379 49.33 -26.53 -28.41
N THR A 380 49.74 -25.27 -28.46
CA THR A 380 50.17 -24.58 -27.25
C THR A 380 49.08 -24.56 -26.21
N TRP A 381 47.83 -24.36 -26.62
CA TRP A 381 46.72 -24.37 -25.66
C TRP A 381 46.59 -25.73 -24.99
N ARG A 382 46.69 -26.80 -25.77
CA ARG A 382 46.53 -28.14 -25.19
C ARG A 382 47.64 -28.42 -24.20
N ALA A 383 48.88 -28.06 -24.54
CA ALA A 383 49.98 -28.23 -23.60
C ALA A 383 49.76 -27.41 -22.34
N LEU A 384 49.25 -26.18 -22.48
CA LEU A 384 49.01 -25.33 -21.32
C LEU A 384 47.89 -25.89 -20.45
N CYS A 385 46.85 -26.42 -21.07
CA CYS A 385 45.73 -26.96 -20.32
C CYS A 385 46.16 -28.17 -19.51
N ARG A 386 46.98 -29.04 -20.10
CA ARG A 386 47.54 -30.14 -19.34
C ARG A 386 48.32 -29.62 -18.13
N VAL A 387 49.14 -28.60 -18.34
CA VAL A 387 50.01 -28.09 -17.28
C VAL A 387 49.19 -27.55 -16.12
N LEU A 388 48.15 -26.77 -16.43
CA LEU A 388 47.34 -26.19 -15.37
C LEU A 388 46.48 -27.25 -14.69
N THR A 389 46.11 -28.31 -15.42
CA THR A 389 45.49 -29.46 -14.78
C THR A 389 46.44 -30.12 -13.80
N LEU A 390 47.70 -30.30 -14.22
CA LEU A 390 48.66 -31.06 -13.43
C LEU A 390 49.11 -30.32 -12.18
N CYS A 391 49.36 -29.02 -12.27
CA CYS A 391 49.78 -28.24 -11.09
C CYS A 391 48.52 -27.89 -10.31
N ASN A 392 48.05 -28.83 -9.51
CA ASN A 392 46.88 -28.62 -8.67
C ASN A 392 46.79 -29.73 -7.64
N ARG A 393 46.49 -29.37 -6.41
CA ARG A 393 46.29 -30.32 -5.33
C ARG A 393 44.85 -30.41 -4.86
N ALA A 394 44.01 -29.47 -5.25
CA ALA A 394 42.64 -29.43 -4.77
C ALA A 394 41.81 -30.58 -5.37
N ALA A 395 40.74 -30.94 -4.68
CA ALA A 395 39.83 -31.99 -5.12
C ALA A 395 38.40 -31.60 -4.81
N PHE A 396 37.45 -32.20 -5.52
CA PHE A 396 36.05 -31.94 -5.21
C PHE A 396 35.58 -32.86 -4.08
N LYS A 397 34.39 -32.56 -3.57
CA LYS A 397 33.66 -33.50 -2.74
C LYS A 397 32.96 -34.54 -3.61
N SER A 398 33.28 -35.80 -3.36
CA SER A 398 32.70 -36.89 -4.13
C SER A 398 31.20 -36.99 -3.89
N GLY A 399 30.47 -37.39 -4.92
CA GLY A 399 29.03 -37.47 -4.87
C GLY A 399 28.31 -36.24 -5.39
N GLN A 400 29.04 -35.21 -5.82
CA GLN A 400 28.46 -33.99 -6.37
C GLN A 400 28.37 -34.01 -7.88
N ASP A 401 28.16 -35.18 -8.48
CA ASP A 401 28.07 -35.28 -9.93
C ASP A 401 26.90 -34.46 -10.48
N ALA A 402 25.78 -34.48 -9.78
CA ALA A 402 24.60 -33.75 -10.23
C ALA A 402 24.81 -32.24 -10.14
N VAL A 403 25.46 -31.76 -9.09
CA VAL A 403 25.59 -30.30 -8.89
C VAL A 403 26.48 -29.71 -9.97
N PRO A 404 26.05 -28.63 -10.64
CA PRO A 404 26.87 -28.03 -11.70
C PRO A 404 28.30 -27.73 -11.26
N VAL A 405 29.18 -27.61 -12.26
CA VAL A 405 30.61 -27.46 -11.98
C VAL A 405 30.94 -26.17 -11.24
N PRO A 406 30.49 -24.98 -11.68
CA PRO A 406 30.86 -23.76 -10.96
C PRO A 406 30.36 -23.73 -9.53
N LYS A 407 29.18 -24.29 -9.26
CA LYS A 407 28.65 -24.32 -7.91
C LYS A 407 29.22 -25.46 -7.07
N ARG A 408 30.00 -26.35 -7.67
CA ARG A 408 30.50 -27.52 -6.97
C ARG A 408 31.52 -27.12 -5.90
N ILE A 409 31.50 -27.82 -4.77
CA ILE A 409 32.32 -27.46 -3.62
C ILE A 409 33.71 -28.05 -3.79
N VAL A 410 34.74 -27.26 -3.45
CA VAL A 410 36.13 -27.67 -3.53
C VAL A 410 36.82 -27.29 -2.22
N ILE A 411 37.89 -28.01 -1.89
CA ILE A 411 38.81 -27.60 -0.83
C ILE A 411 40.18 -27.28 -1.41
N GLY A 412 40.71 -26.12 -1.04
CA GLY A 412 42.01 -25.67 -1.51
C GLY A 412 42.10 -24.17 -1.42
N ASP A 413 43.12 -23.61 -2.06
CA ASP A 413 43.22 -22.17 -2.20
C ASP A 413 42.20 -21.66 -3.22
N ALA A 414 41.97 -20.35 -3.21
CA ALA A 414 41.06 -19.76 -4.18
C ALA A 414 41.55 -19.91 -5.61
N SER A 415 42.83 -19.67 -5.83
CA SER A 415 43.45 -19.89 -7.13
C SER A 415 43.32 -21.35 -7.53
N GLU A 416 43.56 -22.26 -6.59
CA GLU A 416 43.45 -23.68 -6.92
C GLU A 416 42.04 -24.06 -7.30
N THR A 417 41.04 -23.55 -6.57
CA THR A 417 39.64 -23.85 -6.89
C THR A 417 39.27 -23.32 -8.27
N ALA A 418 39.69 -22.09 -8.58
CA ALA A 418 39.40 -21.53 -9.90
C ALA A 418 40.03 -22.39 -11.00
N LEU A 419 41.29 -22.77 -10.82
CA LEU A 419 41.99 -23.54 -11.84
C LEU A 419 41.39 -24.93 -12.00
N LEU A 420 41.02 -25.57 -10.90
CA LEU A 420 40.40 -26.89 -10.96
C LEU A 420 39.05 -26.84 -11.67
N LYS A 421 38.21 -25.86 -11.31
CA LYS A 421 36.91 -25.75 -11.96
C LYS A 421 37.06 -25.43 -13.44
N PHE A 422 38.04 -24.60 -13.79
CA PHE A 422 38.27 -24.27 -15.19
C PHE A 422 38.72 -25.50 -15.97
N SER A 423 39.62 -26.30 -15.37
CA SER A 423 40.07 -27.52 -16.04
C SER A 423 38.93 -28.53 -16.17
N GLU A 424 38.10 -28.67 -15.15
CA GLU A 424 36.95 -29.56 -15.22
C GLU A 424 35.96 -29.09 -16.29
N LEU A 425 35.87 -27.78 -16.50
CA LEU A 425 34.94 -27.26 -17.50
C LEU A 425 35.50 -27.43 -18.91
N THR A 426 36.82 -27.30 -19.06
CA THR A 426 37.42 -27.46 -20.38
C THR A 426 37.50 -28.93 -20.79
N LEU A 427 37.87 -29.80 -19.85
CA LEU A 427 38.04 -31.22 -20.10
C LEU A 427 36.86 -32.01 -19.54
N GLY A 428 37.02 -33.34 -19.54
CA GLY A 428 36.01 -34.21 -18.97
C GLY A 428 36.13 -34.37 -17.47
N ASN A 429 37.32 -34.77 -17.00
CA ASN A 429 37.56 -35.08 -15.60
C ASN A 429 39.00 -34.75 -15.27
N ALA A 430 39.23 -33.61 -14.60
CA ALA A 430 40.57 -33.25 -14.18
C ALA A 430 41.13 -34.27 -13.20
N MET A 431 40.28 -34.85 -12.36
CA MET A 431 40.71 -35.94 -11.49
C MET A 431 41.24 -37.10 -12.31
N GLY A 432 40.52 -37.45 -13.39
CA GLY A 432 41.00 -38.51 -14.26
C GLY A 432 42.30 -38.18 -14.93
N TYR A 433 42.39 -36.98 -15.51
CA TYR A 433 43.61 -36.57 -16.19
C TYR A 433 44.81 -36.52 -15.27
N ARG A 434 44.62 -36.16 -14.01
CA ARG A 434 45.71 -36.08 -13.04
C ARG A 434 46.06 -37.43 -12.44
N GLU A 435 45.08 -38.34 -12.32
CA GLU A 435 45.39 -39.68 -11.83
C GLU A 435 46.08 -40.52 -12.90
N ARG A 436 45.67 -40.35 -14.17
CA ARG A 436 46.30 -41.12 -15.24
C ARG A 436 47.69 -40.60 -15.57
N PHE A 437 48.03 -39.41 -15.06
CA PHE A 437 49.41 -38.92 -15.09
C PHE A 437 49.91 -38.96 -13.65
N PRO A 438 50.42 -40.11 -13.20
CA PRO A 438 50.77 -40.27 -11.79
C PRO A 438 51.85 -39.29 -11.35
N LYS A 439 51.83 -38.97 -10.06
CA LYS A 439 52.75 -38.01 -9.47
C LYS A 439 53.83 -38.74 -8.68
N VAL A 440 55.08 -38.31 -8.84
CA VAL A 440 56.21 -38.97 -8.20
C VAL A 440 56.97 -38.01 -7.29
N CYS A 441 56.90 -36.72 -7.59
CA CYS A 441 57.51 -35.69 -6.75
C CYS A 441 56.58 -34.50 -6.66
N GLU A 442 56.46 -33.95 -5.46
CA GLU A 442 55.49 -32.89 -5.17
C GLU A 442 56.16 -31.84 -4.31
N ILE A 443 56.38 -30.66 -4.87
CA ILE A 443 57.00 -29.54 -4.17
C ILE A 443 55.94 -28.45 -4.04
N PRO A 444 55.32 -28.27 -2.87
CA PRO A 444 54.25 -27.28 -2.73
C PRO A 444 54.79 -25.86 -2.73
N PHE A 445 53.89 -24.87 -2.68
CA PHE A 445 54.33 -23.49 -2.68
C PHE A 445 55.12 -23.20 -1.41
N ASN A 446 56.37 -22.81 -1.59
CA ASN A 446 57.30 -22.57 -0.49
C ASN A 446 57.71 -21.11 -0.50
N SER A 447 57.95 -20.55 0.69
CA SER A 447 58.41 -19.17 0.79
C SER A 447 59.76 -19.01 0.14
N THR A 448 60.69 -19.94 0.42
CA THR A 448 62.02 -19.84 -0.16
C THR A 448 62.01 -20.17 -1.65
N ASN A 449 61.29 -21.23 -2.03
CA ASN A 449 61.19 -21.58 -3.44
C ASN A 449 60.45 -20.50 -4.22
N LYS A 450 59.32 -20.04 -3.69
CA LYS A 450 58.45 -19.02 -4.27
C LYS A 450 57.64 -19.55 -5.45
N PHE A 451 57.43 -20.87 -5.51
CA PHE A 451 56.70 -21.49 -6.62
C PHE A 451 56.23 -22.87 -6.18
N GLN A 452 55.56 -23.56 -7.10
CA GLN A 452 55.16 -24.94 -6.92
C GLN A 452 55.68 -25.76 -8.10
N LEU A 453 56.27 -26.91 -7.79
CA LEU A 453 56.87 -27.80 -8.78
C LEU A 453 56.36 -29.21 -8.54
N SER A 454 56.27 -30.00 -9.62
CA SER A 454 55.89 -31.39 -9.50
C SER A 454 56.41 -32.17 -10.69
N ILE A 455 56.67 -33.46 -10.46
CA ILE A 455 57.22 -34.36 -11.46
C ILE A 455 56.19 -35.44 -11.74
N HIS A 456 55.90 -35.66 -13.02
CA HIS A 456 54.84 -36.57 -13.42
C HIS A 456 55.32 -37.52 -14.49
N THR A 457 54.95 -38.78 -14.36
CA THR A 457 55.16 -39.76 -15.41
C THR A 457 54.05 -39.67 -16.45
N LEU A 458 54.45 -39.64 -17.71
CA LEU A 458 53.51 -39.46 -18.82
C LEU A 458 52.56 -40.64 -18.88
N GLU A 459 51.31 -40.37 -19.29
CA GLU A 459 50.28 -41.39 -19.28
C GLU A 459 50.62 -42.54 -20.21
N ASP A 460 51.05 -42.24 -21.42
CA ASP A 460 51.32 -43.28 -22.40
C ASP A 460 52.53 -44.10 -21.96
N PRO A 461 52.38 -45.41 -21.75
CA PRO A 461 53.52 -46.21 -21.28
C PRO A 461 54.68 -46.27 -22.26
N ARG A 462 54.44 -46.00 -23.54
CA ARG A 462 55.51 -45.98 -24.53
C ARG A 462 56.46 -44.81 -24.35
N ASP A 463 56.09 -43.80 -23.56
CA ASP A 463 56.94 -42.65 -23.29
C ASP A 463 57.25 -42.58 -21.80
N PRO A 464 58.38 -43.12 -21.36
CA PRO A 464 58.68 -43.13 -19.92
C PRO A 464 59.25 -41.81 -19.44
N ARG A 465 59.14 -40.78 -20.27
CA ARG A 465 59.62 -39.46 -19.90
C ARG A 465 58.76 -38.86 -18.80
N HIS A 466 59.37 -38.01 -18.00
CA HIS A 466 58.72 -37.38 -16.86
C HIS A 466 58.54 -35.89 -17.14
N VAL A 467 57.32 -35.41 -16.98
CA VAL A 467 56.97 -34.04 -17.32
C VAL A 467 57.09 -33.19 -16.06
N LEU A 468 57.99 -32.22 -16.07
CA LEU A 468 58.02 -31.22 -15.01
C LEU A 468 57.03 -30.12 -15.35
N VAL A 469 56.25 -29.70 -14.37
CA VAL A 469 55.28 -28.62 -14.53
C VAL A 469 55.36 -27.69 -13.33
N MET A 470 55.24 -26.39 -13.58
CA MET A 470 55.52 -25.36 -12.60
C MET A 470 54.47 -24.25 -12.70
N LYS A 471 54.20 -23.59 -11.58
CA LYS A 471 53.26 -22.48 -11.55
C LYS A 471 53.70 -21.47 -10.50
N GLY A 472 53.69 -20.19 -10.89
CA GLY A 472 54.07 -19.14 -9.99
C GLY A 472 53.87 -17.75 -10.55
N ALA A 473 54.68 -16.79 -10.09
CA ALA A 473 54.58 -15.42 -10.53
C ALA A 473 55.16 -15.25 -11.93
N PRO A 474 54.60 -14.35 -12.73
CA PRO A 474 55.14 -14.15 -14.09
C PRO A 474 56.61 -13.79 -14.12
N GLU A 475 56.99 -12.70 -13.42
CA GLU A 475 58.38 -12.29 -13.42
C GLU A 475 59.28 -13.31 -12.74
N ARG A 476 58.76 -14.03 -11.75
CA ARG A 476 59.57 -14.99 -11.02
C ARG A 476 59.81 -16.26 -11.82
N VAL A 477 58.91 -16.57 -12.75
CA VAL A 477 59.15 -17.67 -13.68
C VAL A 477 59.96 -17.21 -14.88
N LEU A 478 59.90 -15.92 -15.24
CA LEU A 478 60.65 -15.43 -16.39
C LEU A 478 62.14 -15.70 -16.24
N GLU A 479 62.69 -15.45 -15.05
CA GLU A 479 64.10 -15.72 -14.81
C GLU A 479 64.40 -17.20 -14.65
N ARG A 480 63.39 -18.01 -14.38
CA ARG A 480 63.57 -19.45 -14.25
C ARG A 480 63.28 -20.22 -15.56
N CYS A 481 63.06 -19.58 -16.71
CA CYS A 481 62.71 -20.26 -17.95
C CYS A 481 63.59 -19.76 -19.08
N SER A 482 63.74 -20.60 -20.11
CA SER A 482 64.60 -20.28 -21.24
C SER A 482 63.94 -20.43 -22.61
N SER A 483 63.01 -21.37 -22.78
CA SER A 483 62.24 -21.43 -24.01
C SER A 483 60.78 -21.17 -23.67
N ILE A 484 59.91 -21.27 -24.67
CA ILE A 484 58.51 -20.90 -24.50
C ILE A 484 57.67 -21.55 -25.58
N LEU A 485 56.56 -22.18 -25.19
CA LEU A 485 55.60 -22.72 -26.14
C LEU A 485 54.97 -21.56 -26.90
N ILE A 486 55.39 -21.35 -28.14
CA ILE A 486 54.82 -20.34 -29.01
C ILE A 486 54.33 -21.01 -30.28
N LYS A 487 53.04 -20.83 -30.58
CA LYS A 487 52.39 -21.37 -31.77
C LYS A 487 52.48 -22.90 -31.84
N GLY A 488 52.70 -23.56 -30.70
CA GLY A 488 52.85 -25.01 -30.69
C GLY A 488 54.27 -25.50 -30.86
N GLN A 489 55.27 -24.64 -30.63
CA GLN A 489 56.66 -25.01 -30.78
C GLN A 489 57.49 -24.43 -29.64
N GLU A 490 58.66 -25.02 -29.41
CA GLU A 490 59.59 -24.51 -28.40
C GLU A 490 60.45 -23.40 -29.01
N LEU A 491 60.33 -22.21 -28.48
CA LEU A 491 61.06 -21.10 -29.07
C LEU A 491 62.01 -20.48 -28.05
N PRO A 492 63.21 -20.07 -28.46
CA PRO A 492 64.14 -19.44 -27.52
C PRO A 492 63.65 -18.03 -27.17
N LEU A 493 64.19 -17.50 -26.09
CA LEU A 493 63.74 -16.23 -25.53
C LEU A 493 64.56 -15.08 -26.11
N ASP A 494 63.87 -14.03 -26.52
CA ASP A 494 64.49 -12.81 -27.03
C ASP A 494 63.91 -11.59 -26.29
N GLU A 495 64.50 -10.43 -26.58
CA GLU A 495 64.03 -9.20 -25.95
C GLU A 495 62.63 -8.84 -26.40
N GLN A 496 62.29 -9.15 -27.66
CA GLN A 496 60.92 -8.94 -28.12
C GLN A 496 59.94 -9.78 -27.32
N TRP A 497 60.28 -11.06 -27.08
CA TRP A 497 59.40 -11.92 -26.31
C TRP A 497 59.28 -11.45 -24.87
N ARG A 498 60.38 -10.99 -24.27
CA ARG A 498 60.28 -10.46 -22.91
C ARG A 498 59.44 -9.21 -22.87
N GLU A 499 59.56 -8.33 -23.88
CA GLU A 499 58.72 -7.15 -23.94
C GLU A 499 57.24 -7.53 -24.03
N ALA A 500 56.93 -8.51 -24.88
CA ALA A 500 55.54 -8.96 -25.01
C ALA A 500 55.03 -9.55 -23.72
N PHE A 501 55.85 -10.38 -23.06
CA PHE A 501 55.44 -10.98 -21.79
C PHE A 501 55.19 -9.91 -20.75
N GLN A 502 56.09 -8.93 -20.65
CA GLN A 502 55.93 -7.87 -19.66
C GLN A 502 54.67 -7.07 -19.93
N THR A 503 54.39 -6.78 -21.20
CA THR A 503 53.19 -6.03 -21.55
C THR A 503 51.93 -6.81 -21.18
N ALA A 504 51.94 -8.12 -21.45
CA ALA A 504 50.80 -8.94 -21.07
C ALA A 504 50.60 -8.94 -19.56
N TYR A 505 51.70 -9.07 -18.80
CA TYR A 505 51.59 -9.11 -17.35
C TYR A 505 51.02 -7.80 -16.83
N LEU A 506 51.49 -6.68 -17.38
CA LEU A 506 51.01 -5.36 -16.93
C LEU A 506 49.56 -5.13 -17.32
N SER A 507 49.14 -5.63 -18.47
CA SER A 507 47.75 -5.50 -18.87
C SER A 507 46.85 -6.29 -17.93
N LEU A 508 47.23 -7.54 -17.64
CA LEU A 508 46.38 -8.39 -16.82
C LEU A 508 46.36 -7.93 -15.37
N GLY A 509 47.47 -7.36 -14.89
CA GLY A 509 47.49 -6.80 -13.56
C GLY A 509 46.63 -5.56 -13.42
N GLY A 510 46.60 -4.73 -14.46
CA GLY A 510 45.81 -3.52 -14.46
C GLY A 510 44.33 -3.73 -14.63
N LEU A 511 43.90 -4.95 -14.94
CA LEU A 511 42.50 -5.31 -14.91
C LEU A 511 42.05 -5.82 -13.55
N GLY A 512 42.82 -5.55 -12.50
CA GLY A 512 42.46 -5.99 -11.18
C GLY A 512 42.41 -7.49 -11.03
N GLU A 513 43.41 -8.18 -11.57
CA GLU A 513 43.44 -9.64 -11.53
C GLU A 513 44.76 -10.15 -11.00
N ARG A 514 44.69 -11.25 -10.26
CA ARG A 514 45.86 -12.01 -9.87
C ARG A 514 46.29 -12.90 -11.02
N VAL A 515 47.54 -12.77 -11.45
CA VAL A 515 48.08 -13.51 -12.59
C VAL A 515 49.04 -14.56 -12.09
N LEU A 516 48.95 -15.77 -12.62
CA LEU A 516 49.82 -16.88 -12.25
C LEU A 516 50.53 -17.39 -13.50
N GLY A 517 51.82 -17.64 -13.39
CA GLY A 517 52.58 -18.17 -14.51
C GLY A 517 52.47 -19.68 -14.63
N PHE A 518 52.83 -20.19 -15.81
CA PHE A 518 52.77 -21.63 -16.06
C PHE A 518 53.87 -22.01 -17.03
N CYS A 519 54.54 -23.13 -16.74
CA CYS A 519 55.65 -23.58 -17.59
C CYS A 519 55.87 -25.07 -17.36
N GLN A 520 56.62 -25.69 -18.26
CA GLN A 520 56.81 -27.13 -18.21
C GLN A 520 58.14 -27.52 -18.85
N LEU A 521 58.68 -28.65 -18.37
CA LEU A 521 59.83 -29.27 -18.99
C LEU A 521 59.60 -30.76 -19.10
N TYR A 522 60.13 -31.35 -20.17
CA TYR A 522 60.06 -32.79 -20.38
C TYR A 522 61.43 -33.38 -20.08
N LEU A 523 61.45 -34.36 -19.19
CA LEU A 523 62.68 -35.03 -18.79
C LEU A 523 62.83 -36.34 -19.54
N SER A 524 63.95 -36.49 -20.25
CA SER A 524 64.16 -37.67 -21.07
C SER A 524 64.41 -38.89 -20.20
N GLU A 525 64.11 -40.06 -20.77
CA GLU A 525 64.36 -41.32 -20.09
C GLU A 525 65.84 -41.66 -19.98
N LYS A 526 66.70 -40.97 -20.72
CA LYS A 526 68.14 -41.19 -20.67
C LYS A 526 68.68 -40.91 -19.28
N ASP A 527 68.53 -39.67 -18.82
CA ASP A 527 69.01 -39.32 -17.49
C ASP A 527 68.09 -39.82 -16.38
N TYR A 528 66.78 -39.90 -16.65
CA TYR A 528 65.79 -40.26 -15.65
C TYR A 528 65.04 -41.52 -16.07
N PRO A 529 65.43 -42.69 -15.56
CA PRO A 529 64.70 -43.93 -15.88
C PRO A 529 63.32 -43.92 -15.26
N PRO A 530 62.44 -44.84 -15.68
CA PRO A 530 61.10 -44.93 -15.06
C PRO A 530 61.16 -45.19 -13.56
N GLY A 531 62.18 -45.92 -13.11
CA GLY A 531 62.32 -46.23 -11.70
C GLY A 531 63.21 -45.25 -10.96
N TYR A 532 63.26 -44.01 -11.45
CA TYR A 532 64.09 -42.95 -10.86
C TYR A 532 63.22 -42.20 -9.86
N ALA A 533 63.45 -42.47 -8.57
CA ALA A 533 62.70 -41.77 -7.55
C ALA A 533 63.07 -40.29 -7.53
N PHE A 534 62.09 -39.42 -7.78
CA PHE A 534 62.33 -37.99 -7.85
C PHE A 534 62.21 -37.39 -6.45
N ASP A 535 63.32 -37.39 -5.72
CA ASP A 535 63.34 -36.85 -4.37
C ASP A 535 63.18 -35.34 -4.38
N VAL A 536 62.43 -34.82 -3.40
CA VAL A 536 62.24 -33.37 -3.29
C VAL A 536 63.54 -32.69 -2.86
N GLU A 537 64.15 -33.18 -1.78
CA GLU A 537 65.27 -32.47 -1.17
C GLU A 537 66.55 -32.63 -1.98
N ALA A 538 66.66 -33.71 -2.77
CA ALA A 538 67.85 -33.90 -3.58
C ALA A 538 68.02 -32.82 -4.63
N MET A 539 66.93 -32.32 -5.20
CA MET A 539 66.95 -31.29 -6.24
C MET A 539 67.81 -31.70 -7.42
N ASN A 540 67.71 -32.99 -7.78
CA ASN A 540 68.40 -33.49 -8.96
C ASN A 540 67.77 -32.95 -10.24
N PHE A 541 66.55 -32.39 -10.16
CA PHE A 541 65.94 -31.78 -11.34
C PHE A 541 66.75 -30.55 -11.71
N PRO A 542 66.80 -30.19 -13.00
CA PRO A 542 67.42 -28.91 -13.34
C PRO A 542 66.71 -27.75 -12.70
N THR A 543 65.39 -27.86 -12.53
CA THR A 543 64.54 -26.85 -11.89
C THR A 543 64.61 -25.50 -12.57
N SER A 544 65.20 -25.44 -13.77
CA SER A 544 65.42 -24.18 -14.46
C SER A 544 65.61 -24.44 -15.95
N GLY A 545 65.61 -23.36 -16.71
CA GLY A 545 65.71 -23.46 -18.16
C GLY A 545 64.52 -24.16 -18.80
N LEU A 546 63.34 -24.03 -18.19
CA LEU A 546 62.14 -24.67 -18.70
C LEU A 546 61.57 -23.90 -19.88
N CYS A 547 60.33 -24.25 -20.24
CA CYS A 547 59.67 -23.71 -21.41
C CYS A 547 58.33 -23.12 -20.96
N PHE A 548 58.18 -21.81 -21.12
CA PHE A 548 57.01 -21.10 -20.62
C PHE A 548 55.78 -21.50 -21.42
N ALA A 549 54.72 -21.89 -20.73
CA ALA A 549 53.50 -22.34 -21.39
C ALA A 549 52.56 -21.18 -21.70
N GLY A 550 52.10 -20.46 -20.68
CA GLY A 550 51.20 -19.35 -20.92
C GLY A 550 50.66 -18.80 -19.61
N LEU A 551 50.40 -17.50 -19.62
CA LEU A 551 49.95 -16.79 -18.44
C LEU A 551 48.43 -16.87 -18.31
N VAL A 552 47.96 -16.94 -17.07
CA VAL A 552 46.54 -17.04 -16.76
C VAL A 552 46.23 -16.03 -15.67
N SER A 553 45.06 -15.37 -15.77
CA SER A 553 44.60 -14.43 -14.76
C SER A 553 43.23 -14.84 -14.25
N MET A 554 42.96 -14.50 -13.00
CA MET A 554 41.71 -14.81 -12.32
C MET A 554 41.09 -13.53 -11.76
N ILE A 555 39.76 -13.48 -11.82
CA ILE A 555 39.03 -12.36 -11.24
C ILE A 555 37.69 -12.88 -10.76
N ASP A 556 37.14 -12.26 -9.72
CA ASP A 556 35.76 -12.53 -9.36
C ASP A 556 34.84 -11.89 -10.41
N PRO A 557 34.09 -12.69 -11.16
CA PRO A 557 33.39 -12.15 -12.32
C PRO A 557 31.97 -11.73 -11.99
N PRO A 558 31.42 -10.77 -12.72
CA PRO A 558 30.01 -10.42 -12.53
C PRO A 558 29.10 -11.60 -12.78
N ARG A 559 27.92 -11.55 -12.17
CA ARG A 559 26.88 -12.50 -12.51
C ARG A 559 26.38 -12.23 -13.92
N ALA A 560 25.76 -13.24 -14.52
CA ALA A 560 25.47 -13.21 -15.96
C ALA A 560 24.47 -12.11 -16.31
N THR A 561 23.48 -11.88 -15.44
CA THR A 561 22.44 -10.90 -15.72
C THR A 561 22.86 -9.47 -15.42
N VAL A 562 23.81 -9.28 -14.52
CA VAL A 562 24.10 -7.98 -13.92
C VAL A 562 24.41 -6.89 -14.95
N PRO A 563 25.22 -7.13 -15.99
CA PRO A 563 25.42 -6.06 -16.98
C PRO A 563 24.14 -5.59 -17.64
N ASP A 564 23.27 -6.54 -18.02
CA ASP A 564 21.99 -6.18 -18.62
C ASP A 564 21.11 -5.45 -17.61
N ALA A 565 21.10 -5.91 -16.36
CA ALA A 565 20.30 -5.25 -15.33
C ALA A 565 20.77 -3.83 -15.10
N VAL A 566 22.09 -3.61 -15.06
CA VAL A 566 22.61 -2.28 -14.80
C VAL A 566 22.32 -1.36 -15.97
N LEU A 567 22.45 -1.87 -17.19
CA LEU A 567 22.14 -1.06 -18.37
C LEU A 567 20.67 -0.68 -18.40
N LYS A 568 19.78 -1.61 -18.03
CA LYS A 568 18.35 -1.30 -17.96
C LYS A 568 18.06 -0.28 -16.87
N CYS A 569 18.72 -0.41 -15.71
CA CYS A 569 18.52 0.55 -14.62
C CYS A 569 18.96 1.94 -15.05
N ARG A 570 20.06 2.03 -15.80
CA ARG A 570 20.53 3.33 -16.26
C ARG A 570 19.60 3.90 -17.33
N THR A 571 19.05 3.04 -18.19
CA THR A 571 18.05 3.50 -19.15
C THR A 571 16.80 4.03 -18.46
N ALA A 572 16.43 3.43 -17.33
CA ALA A 572 15.28 3.91 -16.56
C ALA A 572 15.60 5.16 -15.74
N GLY A 573 16.71 5.84 -16.04
CA GLY A 573 17.02 7.10 -15.39
C GLY A 573 17.61 7.01 -14.01
N ILE A 574 18.14 5.86 -13.62
CA ILE A 574 18.61 5.61 -12.27
C ILE A 574 20.13 5.70 -12.26
N ARG A 575 20.67 6.48 -11.33
CA ARG A 575 22.11 6.58 -11.16
C ARG A 575 22.61 5.38 -10.36
N VAL A 576 23.66 4.73 -10.86
CA VAL A 576 24.16 3.50 -10.28
C VAL A 576 25.55 3.76 -9.73
N ILE A 577 25.75 3.48 -8.45
CA ILE A 577 27.00 3.72 -7.75
C ILE A 577 27.49 2.41 -7.15
N MET A 578 28.80 2.18 -7.22
CA MET A 578 29.43 1.05 -6.57
C MET A 578 30.16 1.53 -5.32
N VAL A 579 29.69 1.11 -4.16
CA VAL A 579 30.39 1.31 -2.90
C VAL A 579 30.89 -0.07 -2.47
N THR A 580 32.20 -0.20 -2.30
CA THR A 580 32.79 -1.49 -2.00
C THR A 580 33.98 -1.34 -1.07
N GLY A 581 34.30 -2.44 -0.38
CA GLY A 581 35.50 -2.54 0.41
C GLY A 581 36.68 -3.16 -0.29
N ASP A 582 36.50 -3.67 -1.50
CA ASP A 582 37.62 -4.25 -2.22
C ASP A 582 38.55 -3.15 -2.71
N HIS A 583 39.67 -3.57 -3.27
CA HIS A 583 40.68 -2.63 -3.71
C HIS A 583 40.20 -1.80 -4.89
N PRO A 584 40.72 -0.57 -5.03
CA PRO A 584 40.21 0.30 -6.11
C PRO A 584 40.40 -0.26 -7.50
N ILE A 585 41.49 -0.99 -7.75
CA ILE A 585 41.78 -1.46 -9.11
C ILE A 585 40.76 -2.53 -9.51
N THR A 586 40.52 -3.49 -8.62
CA THR A 586 39.48 -4.50 -8.86
C THR A 586 38.10 -3.85 -8.96
N ALA A 587 37.82 -2.87 -8.10
CA ALA A 587 36.53 -2.21 -8.14
C ALA A 587 36.30 -1.51 -9.48
N LYS A 588 37.32 -0.83 -9.99
CA LYS A 588 37.19 -0.14 -11.27
C LYS A 588 37.04 -1.15 -12.41
N ALA A 589 37.77 -2.26 -12.35
CA ALA A 589 37.60 -3.31 -13.35
C ALA A 589 36.17 -3.80 -13.39
N ILE A 590 35.60 -4.08 -12.21
CA ILE A 590 34.24 -4.61 -12.17
C ILE A 590 33.24 -3.57 -12.63
N ALA A 591 33.46 -2.30 -12.27
CA ALA A 591 32.57 -1.23 -12.71
C ALA A 591 32.58 -1.11 -14.22
N ALA A 592 33.77 -1.22 -14.82
CA ALA A 592 33.87 -1.17 -16.27
C ALA A 592 33.17 -2.36 -16.91
N SER A 593 33.36 -3.56 -16.35
CA SER A 593 32.73 -4.74 -16.92
C SER A 593 31.22 -4.66 -16.85
N VAL A 594 30.68 -4.33 -15.67
CA VAL A 594 29.25 -4.36 -15.41
C VAL A 594 28.47 -3.28 -16.15
N GLY A 595 29.03 -2.09 -16.32
CA GLY A 595 28.36 -1.00 -16.99
C GLY A 595 28.11 0.22 -16.13
N ILE A 596 28.62 0.22 -14.89
CA ILE A 596 28.55 1.41 -14.05
C ILE A 596 29.37 2.52 -14.66
N ILE A 597 30.56 2.20 -15.19
CA ILE A 597 31.35 3.10 -16.00
C ILE A 597 31.07 2.76 -17.46
N SER A 598 30.64 3.73 -18.24
CA SER A 598 30.40 3.50 -19.66
C SER A 598 31.71 3.28 -20.39
N GLU A 599 31.60 2.76 -21.61
CA GLU A 599 32.77 2.66 -22.47
C GLU A 599 33.11 4.05 -23.03
N GLY A 600 34.36 4.46 -22.83
CA GLY A 600 34.83 5.77 -23.20
C GLY A 600 34.99 6.72 -22.04
N SER A 601 34.20 6.55 -20.97
CA SER A 601 34.35 7.39 -19.79
C SER A 601 35.66 7.09 -19.09
N GLU A 602 36.28 8.13 -18.53
CA GLU A 602 37.61 8.03 -17.96
C GLU A 602 37.70 8.84 -16.67
N THR A 603 38.72 8.55 -15.87
CA THR A 603 38.95 9.26 -14.63
C THR A 603 39.97 10.38 -14.84
N VAL A 604 40.22 11.13 -13.75
CA VAL A 604 41.26 12.14 -13.79
C VAL A 604 42.60 11.51 -14.11
N GLU A 605 42.89 10.36 -13.49
CA GLU A 605 44.15 9.67 -13.75
C GLU A 605 44.19 9.10 -15.16
N ASP A 606 43.06 8.65 -15.69
CA ASP A 606 43.03 8.18 -17.07
C ASP A 606 43.36 9.30 -18.03
N ILE A 607 42.76 10.48 -17.83
CA ILE A 607 43.06 11.63 -18.69
C ILE A 607 44.51 12.03 -18.54
N ALA A 608 45.02 12.03 -17.30
CA ALA A 608 46.41 12.41 -17.06
C ALA A 608 47.37 11.45 -17.76
N ALA A 609 47.08 10.15 -17.69
CA ALA A 609 47.92 9.16 -18.37
C ALA A 609 47.87 9.33 -19.88
N ARG A 610 46.67 9.57 -20.42
CA ARG A 610 46.54 9.75 -21.87
C ARG A 610 47.32 10.97 -22.33
N LEU A 611 47.24 12.07 -21.58
CA LEU A 611 47.91 13.31 -21.95
C LEU A 611 49.34 13.40 -21.43
N ARG A 612 49.77 12.46 -20.59
CA ARG A 612 51.08 12.54 -19.92
C ARG A 612 51.23 13.86 -19.17
N VAL A 613 50.10 14.35 -18.64
CA VAL A 613 49.99 15.60 -17.91
C VAL A 613 49.74 15.23 -16.46
N PRO A 614 50.23 16.00 -15.48
CA PRO A 614 50.01 15.63 -14.08
C PRO A 614 48.54 15.69 -13.69
N VAL A 615 48.23 15.16 -12.50
CA VAL A 615 46.84 15.07 -12.05
C VAL A 615 46.26 16.45 -11.81
N ASP A 616 47.06 17.37 -11.28
CA ASP A 616 46.55 18.68 -10.87
C ASP A 616 45.95 19.43 -12.05
N GLN A 617 46.63 19.41 -13.20
CA GLN A 617 46.17 20.22 -14.34
C GLN A 617 45.01 19.58 -15.10
N VAL A 618 44.71 18.31 -14.83
CA VAL A 618 43.59 17.67 -15.51
C VAL A 618 42.28 18.27 -15.02
N ASN A 619 41.53 18.86 -15.95
CA ASN A 619 40.26 19.47 -15.62
C ASN A 619 39.26 18.40 -15.18
N ARG A 620 38.60 18.64 -14.03
CA ARG A 620 37.72 17.63 -13.45
C ARG A 620 36.48 17.41 -14.31
N LYS A 621 35.99 18.47 -14.96
CA LYS A 621 34.71 18.37 -15.67
C LYS A 621 34.81 17.40 -16.85
N ASP A 622 36.02 17.09 -17.30
CA ASP A 622 36.18 16.20 -18.44
C ASP A 622 36.14 14.74 -18.00
N ALA A 623 36.45 14.47 -16.75
CA ALA A 623 36.45 13.10 -16.24
C ALA A 623 35.02 12.68 -15.93
N ARG A 624 34.48 11.78 -16.74
CA ARG A 624 33.13 11.30 -16.51
C ARG A 624 33.04 10.37 -15.31
N ALA A 625 34.10 9.61 -15.02
CA ALA A 625 34.11 8.66 -13.92
C ALA A 625 35.05 9.16 -12.83
N CYS A 626 34.86 8.61 -11.63
CA CYS A 626 35.71 8.95 -10.50
C CYS A 626 35.76 7.77 -9.55
N VAL A 627 36.97 7.35 -9.21
CA VAL A 627 37.22 6.31 -8.22
C VAL A 627 37.79 6.99 -6.99
N ILE A 628 37.09 6.86 -5.86
CA ILE A 628 37.50 7.46 -4.60
C ILE A 628 37.68 6.35 -3.59
N ASN A 629 38.86 6.28 -2.98
CA ASN A 629 39.06 5.23 -1.99
C ASN A 629 38.73 5.74 -0.59
N GLY A 630 38.89 4.85 0.39
CA GLY A 630 38.49 5.17 1.75
C GLY A 630 39.34 6.25 2.39
N MET A 631 40.64 6.25 2.11
CA MET A 631 41.52 7.26 2.68
C MET A 631 41.10 8.66 2.24
N GLN A 632 40.95 8.86 0.94
CA GLN A 632 40.56 10.17 0.42
C GLN A 632 39.19 10.59 0.95
N LEU A 633 38.23 9.67 0.92
CA LEU A 633 36.89 9.96 1.37
C LEU A 633 36.86 10.31 2.85
N LYS A 634 37.77 9.72 3.62
CA LYS A 634 37.74 9.90 5.07
C LYS A 634 38.06 11.34 5.44
N ASP A 635 39.04 11.93 4.79
CA ASP A 635 39.37 13.33 5.03
C ASP A 635 38.52 14.29 4.19
N MET A 636 37.78 13.77 3.21
CA MET A 636 36.91 14.63 2.42
C MET A 636 35.76 15.18 3.27
N ASP A 637 35.53 16.49 3.19
CA ASP A 637 34.44 17.12 3.91
C ASP A 637 33.11 16.92 3.19
N PRO A 638 31.98 17.08 3.89
CA PRO A 638 30.67 16.92 3.23
C PRO A 638 30.48 17.79 1.99
N SER A 639 30.95 19.04 2.02
CA SER A 639 30.82 19.87 0.82
C SER A 639 31.60 19.27 -0.34
N GLU A 640 32.80 18.77 -0.09
CA GLU A 640 33.58 18.15 -1.15
C GLU A 640 32.94 16.86 -1.64
N LEU A 641 32.31 16.11 -0.73
CA LEU A 641 31.61 14.89 -1.14
C LEU A 641 30.46 15.22 -2.08
N VAL A 642 29.67 16.24 -1.73
CA VAL A 642 28.59 16.67 -2.62
C VAL A 642 29.13 17.19 -3.93
N GLU A 643 30.23 17.95 -3.90
CA GLU A 643 30.79 18.49 -5.14
C GLU A 643 31.25 17.37 -6.06
N ALA A 644 31.91 16.36 -5.50
CA ALA A 644 32.34 15.22 -6.30
C ALA A 644 31.13 14.50 -6.89
N LEU A 645 30.10 14.29 -6.07
CA LEU A 645 28.91 13.60 -6.54
C LEU A 645 28.27 14.34 -7.71
N ARG A 646 28.20 15.67 -7.63
CA ARG A 646 27.68 16.43 -8.76
C ARG A 646 28.61 16.31 -9.96
N THR A 647 29.92 16.41 -9.74
CA THR A 647 30.87 16.54 -10.84
C THR A 647 30.94 15.27 -11.67
N HIS A 648 30.92 14.11 -11.02
CA HIS A 648 31.09 12.85 -11.75
C HIS A 648 29.83 12.00 -11.69
N PRO A 649 29.19 11.73 -12.83
CA PRO A 649 27.97 10.92 -12.80
C PRO A 649 28.20 9.44 -12.56
N GLU A 650 29.37 8.90 -12.90
CA GLU A 650 29.70 7.50 -12.67
C GLU A 650 30.72 7.43 -11.53
N MET A 651 30.29 6.94 -10.38
CA MET A 651 31.07 7.00 -9.15
C MET A 651 31.35 5.60 -8.63
N VAL A 652 32.58 5.40 -8.16
CA VAL A 652 33.01 4.15 -7.54
C VAL A 652 33.71 4.51 -6.24
N PHE A 653 33.19 4.03 -5.12
CA PHE A 653 33.82 4.17 -3.82
C PHE A 653 34.43 2.84 -3.45
N ALA A 654 35.72 2.85 -3.13
CA ALA A 654 36.48 1.63 -2.90
C ALA A 654 37.20 1.72 -1.56
N ARG A 655 37.52 0.55 -1.00
CA ARG A 655 38.23 0.48 0.28
C ARG A 655 37.47 1.16 1.41
N THR A 656 36.15 1.26 1.27
CA THR A 656 35.35 2.02 2.21
C THR A 656 34.87 1.16 3.36
N SER A 657 34.74 1.76 4.53
CA SER A 657 34.23 1.12 5.72
C SER A 657 32.69 1.25 5.79
N PRO A 658 32.03 0.44 6.63
CA PRO A 658 30.56 0.52 6.72
C PRO A 658 30.02 1.89 7.09
N GLN A 659 30.71 2.59 7.98
CA GLN A 659 30.31 3.96 8.30
C GLN A 659 30.40 4.85 7.07
N GLN A 660 31.45 4.66 6.26
CA GLN A 660 31.55 5.43 5.02
C GLN A 660 30.43 5.07 4.05
N LYS A 661 30.01 3.81 4.01
CA LYS A 661 28.88 3.46 3.17
C LYS A 661 27.63 4.20 3.62
N LEU A 662 27.40 4.26 4.93
CA LEU A 662 26.26 5.00 5.46
C LEU A 662 26.37 6.49 5.17
N VAL A 663 27.58 7.04 5.25
CA VAL A 663 27.79 8.46 4.94
C VAL A 663 27.45 8.74 3.48
N ILE A 664 27.87 7.86 2.59
CA ILE A 664 27.56 8.03 1.17
C ILE A 664 26.06 7.95 0.93
N VAL A 665 25.39 6.99 1.58
CA VAL A 665 23.95 6.84 1.40
C VAL A 665 23.21 8.09 1.86
N GLU A 666 23.55 8.57 3.06
CA GLU A 666 22.87 9.74 3.60
C GLU A 666 23.21 11.00 2.82
N SER A 667 24.40 11.06 2.21
CA SER A 667 24.71 12.19 1.34
C SER A 667 23.81 12.17 0.10
N CYS A 668 23.66 11.01 -0.52
CA CYS A 668 22.74 10.93 -1.66
C CYS A 668 21.32 11.28 -1.24
N GLN A 669 20.89 10.84 -0.06
CA GLN A 669 19.53 11.13 0.40
C GLN A 669 19.34 12.61 0.67
N ARG A 670 20.34 13.27 1.25
CA ARG A 670 20.23 14.69 1.56
C ARG A 670 20.03 15.52 0.30
N LEU A 671 20.40 14.98 -0.85
CA LEU A 671 20.22 15.66 -2.12
C LEU A 671 18.85 15.41 -2.72
N GLY A 672 17.87 15.06 -1.90
CA GLY A 672 16.51 14.84 -2.36
C GLY A 672 16.33 13.62 -3.24
N ALA A 673 17.05 12.55 -2.94
CA ALA A 673 17.02 11.35 -3.76
C ALA A 673 16.48 10.18 -2.95
N ILE A 674 15.71 9.32 -3.61
CA ILE A 674 15.30 8.05 -3.00
C ILE A 674 16.36 7.01 -3.32
N VAL A 675 17.01 6.49 -2.29
CA VAL A 675 18.19 5.65 -2.46
C VAL A 675 17.85 4.22 -2.11
N ALA A 676 18.20 3.30 -3.01
CA ALA A 676 18.20 1.88 -2.73
C ALA A 676 19.64 1.44 -2.52
N VAL A 677 19.84 0.49 -1.62
CA VAL A 677 21.14 -0.12 -1.38
C VAL A 677 20.98 -1.62 -1.57
N THR A 678 21.89 -2.22 -2.32
CA THR A 678 21.88 -3.66 -2.60
C THR A 678 23.15 -4.25 -2.01
N GLY A 679 22.99 -5.15 -1.04
CA GLY A 679 24.13 -5.75 -0.38
C GLY A 679 23.82 -7.16 0.08
N ASP A 680 24.85 -7.84 0.55
CA ASP A 680 24.70 -9.22 1.01
C ASP A 680 25.47 -9.49 2.30
N GLY A 681 26.25 -8.53 2.77
CA GLY A 681 27.14 -8.78 3.89
C GLY A 681 26.79 -8.03 5.16
N VAL A 682 27.53 -8.34 6.23
CA VAL A 682 27.31 -7.66 7.50
C VAL A 682 27.72 -6.19 7.41
N ASN A 683 28.80 -5.90 6.69
CA ASN A 683 29.23 -4.51 6.53
C ASN A 683 28.24 -3.69 5.72
N ASP A 684 27.37 -4.34 4.94
CA ASP A 684 26.34 -3.62 4.21
C ASP A 684 25.14 -3.26 5.08
N SER A 685 25.01 -3.85 6.26
CA SER A 685 23.78 -3.72 7.05
C SER A 685 23.46 -2.29 7.50
N PRO A 686 24.41 -1.48 7.99
CA PRO A 686 24.04 -0.09 8.31
C PRO A 686 23.49 0.67 7.11
N ALA A 687 24.11 0.50 5.94
CA ALA A 687 23.61 1.14 4.72
C ALA A 687 22.24 0.60 4.34
N LEU A 688 22.03 -0.71 4.50
CA LEU A 688 20.73 -1.31 4.20
C LEU A 688 19.64 -0.74 5.10
N LYS A 689 19.99 -0.40 6.34
CA LYS A 689 19.00 0.20 7.24
C LYS A 689 18.76 1.66 6.91
N LYS A 690 19.82 2.38 6.52
CA LYS A 690 19.68 3.79 6.18
C LYS A 690 18.89 3.98 4.90
N ALA A 691 19.00 3.05 3.95
CA ALA A 691 18.44 3.24 2.62
C ALA A 691 16.92 3.31 2.66
N ASP A 692 16.33 3.95 1.65
CA ASP A 692 14.88 3.96 1.53
C ASP A 692 14.33 2.55 1.38
N ILE A 693 14.98 1.74 0.56
CA ILE A 693 14.69 0.32 0.44
C ILE A 693 16.01 -0.42 0.33
N GLY A 694 16.17 -1.49 1.10
CA GLY A 694 17.37 -2.30 1.08
C GLY A 694 17.08 -3.66 0.49
N VAL A 695 17.90 -4.05 -0.48
CA VAL A 695 17.72 -5.31 -1.20
C VAL A 695 18.89 -6.21 -0.86
N ALA A 696 18.60 -7.43 -0.42
CA ALA A 696 19.62 -8.37 -0.02
C ALA A 696 19.55 -9.62 -0.90
N MET A 697 20.73 -10.17 -1.18
CA MET A 697 20.80 -11.45 -1.88
C MET A 697 20.35 -12.57 -0.96
N GLY A 698 19.70 -13.58 -1.54
CA GLY A 698 19.14 -14.65 -0.77
C GLY A 698 20.10 -15.76 -0.37
N ILE A 699 20.81 -16.32 -1.35
CA ILE A 699 21.74 -17.42 -1.06
C ILE A 699 23.03 -16.88 -0.46
N ALA A 700 23.73 -16.03 -1.22
CA ALA A 700 25.02 -15.50 -0.80
C ALA A 700 24.90 -14.54 0.38
N GLY A 701 23.69 -14.08 0.70
CA GLY A 701 23.54 -13.05 1.70
C GLY A 701 23.81 -13.57 3.10
N SER A 702 24.20 -12.65 3.98
CA SER A 702 24.37 -12.99 5.38
C SER A 702 23.13 -12.55 6.17
N ASP A 703 23.03 -13.09 7.39
CA ASP A 703 21.82 -12.91 8.18
C ASP A 703 21.61 -11.44 8.53
N ALA A 704 22.69 -10.71 8.83
CA ALA A 704 22.55 -9.30 9.16
C ALA A 704 21.99 -8.51 7.98
N ALA A 705 22.50 -8.77 6.78
CA ALA A 705 21.97 -8.09 5.59
C ALA A 705 20.52 -8.43 5.38
N LYS A 706 20.17 -9.71 5.52
CA LYS A 706 18.79 -10.13 5.27
C LYS A 706 17.84 -9.52 6.29
N ASN A 707 18.28 -9.42 7.54
CA ASN A 707 17.41 -8.85 8.57
C ASN A 707 17.28 -7.33 8.40
N ALA A 708 18.32 -6.66 7.92
CA ALA A 708 18.23 -5.23 7.69
C ALA A 708 17.48 -4.88 6.42
N ALA A 709 17.44 -5.77 5.43
CA ALA A 709 16.85 -5.46 4.15
C ALA A 709 15.34 -5.35 4.25
N ASP A 710 14.74 -4.75 3.22
CA ASP A 710 13.29 -4.72 3.06
C ASP A 710 12.81 -5.68 1.99
N MET A 711 13.71 -6.18 1.16
CA MET A 711 13.40 -7.06 0.06
C MET A 711 14.58 -8.00 -0.13
N ILE A 712 14.27 -9.26 -0.42
CA ILE A 712 15.28 -10.30 -0.58
C ILE A 712 15.13 -10.87 -1.99
N LEU A 713 16.25 -11.12 -2.64
CA LEU A 713 16.28 -11.82 -3.93
C LEU A 713 16.57 -13.28 -3.61
N LEU A 714 15.52 -14.09 -3.53
CA LEU A 714 15.69 -15.48 -3.12
C LEU A 714 16.56 -16.25 -4.10
N ASP A 715 16.41 -16.00 -5.39
CA ASP A 715 17.15 -16.72 -6.42
C ASP A 715 18.51 -16.11 -6.74
N ASP A 716 18.90 -15.06 -6.04
CA ASP A 716 20.15 -14.33 -6.31
C ASP A 716 20.16 -13.75 -7.72
N ASN A 717 19.01 -13.39 -8.26
CA ASN A 717 18.93 -12.88 -9.62
C ASN A 717 18.85 -11.36 -9.58
N PHE A 718 19.95 -10.72 -9.95
CA PHE A 718 20.03 -9.26 -9.88
C PHE A 718 19.06 -8.57 -10.82
N ALA A 719 18.65 -9.22 -11.90
CA ALA A 719 17.72 -8.60 -12.83
C ALA A 719 16.33 -8.42 -12.24
N SER A 720 16.07 -8.98 -11.07
CA SER A 720 14.82 -8.73 -10.38
C SER A 720 14.68 -7.28 -9.93
N ILE A 721 15.80 -6.55 -9.86
CA ILE A 721 15.73 -5.12 -9.57
C ILE A 721 14.99 -4.39 -10.70
N VAL A 722 15.23 -4.80 -11.94
CA VAL A 722 14.53 -4.22 -13.08
C VAL A 722 13.04 -4.50 -12.99
N THR A 723 12.67 -5.73 -12.65
CA THR A 723 11.26 -6.08 -12.48
C THR A 723 10.63 -5.27 -11.34
N GLY A 724 11.36 -5.10 -10.24
CA GLY A 724 10.86 -4.30 -9.14
C GLY A 724 10.65 -2.84 -9.52
N VAL A 725 11.57 -2.29 -10.32
CA VAL A 725 11.39 -0.91 -10.79
C VAL A 725 10.14 -0.80 -11.64
N GLU A 726 9.96 -1.75 -12.57
CA GLU A 726 8.79 -1.73 -13.43
C GLU A 726 7.50 -1.85 -12.61
N GLN A 727 7.47 -2.78 -11.66
CA GLN A 727 6.26 -3.00 -10.87
C GLN A 727 5.99 -1.85 -9.91
N GLY A 728 7.04 -1.23 -9.37
CA GLY A 728 6.82 -0.07 -8.52
C GLY A 728 6.22 1.10 -9.28
N ARG A 729 6.75 1.39 -10.47
CA ARG A 729 6.15 2.46 -11.26
C ARG A 729 4.72 2.12 -11.66
N LEU A 730 4.49 0.86 -12.06
CA LEU A 730 3.15 0.44 -12.45
C LEU A 730 2.15 0.55 -11.31
N ILE A 731 2.55 0.11 -10.12
CA ILE A 731 1.64 0.18 -8.99
C ILE A 731 1.39 1.61 -8.57
N PHE A 732 2.36 2.51 -8.79
CA PHE A 732 2.10 3.93 -8.50
C PHE A 732 1.03 4.48 -9.43
N ASP A 733 1.15 4.24 -10.74
CA ASP A 733 0.15 4.74 -11.69
C ASP A 733 -1.22 4.15 -11.40
N ASN A 734 -1.28 2.84 -11.17
CA ASN A 734 -2.57 2.20 -10.94
C ASN A 734 -3.16 2.61 -9.60
N LEU A 735 -2.30 2.90 -8.61
CA LEU A 735 -2.78 3.39 -7.34
C LEU A 735 -3.49 4.72 -7.50
N LYS A 736 -2.91 5.63 -8.30
CA LYS A 736 -3.60 6.90 -8.45
C LYS A 736 -4.89 6.75 -9.25
N LYS A 737 -4.93 5.84 -10.23
CA LYS A 737 -6.20 5.54 -10.89
C LYS A 737 -7.25 5.06 -9.88
N SER A 738 -6.89 4.09 -9.05
CA SER A 738 -7.83 3.52 -8.09
C SER A 738 -8.27 4.55 -7.07
N ILE A 739 -7.37 5.44 -6.68
CA ILE A 739 -7.70 6.48 -5.73
C ILE A 739 -8.67 7.49 -6.36
N ALA A 740 -8.44 7.85 -7.62
CA ALA A 740 -9.37 8.76 -8.29
C ALA A 740 -10.76 8.15 -8.39
N TYR A 741 -10.83 6.86 -8.75
CA TYR A 741 -12.13 6.20 -8.80
C TYR A 741 -12.82 6.23 -7.43
N THR A 742 -12.09 5.89 -6.38
CA THR A 742 -12.67 5.88 -5.04
C THR A 742 -13.15 7.27 -4.64
N LEU A 743 -12.35 8.29 -4.93
CA LEU A 743 -12.70 9.64 -4.49
C LEU A 743 -13.90 10.19 -5.24
N THR A 744 -14.13 9.71 -6.48
CA THR A 744 -15.17 10.30 -7.31
C THR A 744 -16.54 10.25 -6.63
N SER A 745 -16.90 9.12 -6.02
CA SER A 745 -18.25 8.95 -5.49
C SER A 745 -18.48 9.67 -4.17
N ASN A 746 -17.47 10.35 -3.62
CA ASN A 746 -17.67 11.13 -2.40
C ASN A 746 -18.64 12.28 -2.62
N ILE A 747 -18.51 12.98 -3.76
CA ILE A 747 -19.40 14.12 -4.06
C ILE A 747 -20.86 13.71 -4.18
N PRO A 748 -21.22 12.61 -4.89
CA PRO A 748 -22.63 12.21 -4.94
C PRO A 748 -23.22 11.83 -3.60
N GLU A 749 -22.36 11.52 -2.62
CA GLU A 749 -22.81 11.25 -1.26
C GLU A 749 -22.90 12.52 -0.42
N LEU A 750 -22.18 13.57 -0.81
CA LEU A 750 -22.22 14.81 -0.04
C LEU A 750 -23.32 15.73 -0.52
N THR A 751 -23.49 15.85 -1.84
CA THR A 751 -24.43 16.82 -2.40
C THR A 751 -25.88 16.63 -1.93
N PRO A 752 -26.42 15.41 -1.78
CA PRO A 752 -27.76 15.30 -1.21
C PRO A 752 -27.89 15.97 0.13
N TRP A 753 -26.84 15.92 0.94
CA TRP A 753 -26.92 16.48 2.28
C TRP A 753 -26.89 18.00 2.25
N LEU A 754 -26.04 18.59 1.41
CA LEU A 754 -26.01 20.04 1.28
C LEU A 754 -27.33 20.56 0.74
N ILE A 755 -27.89 19.86 -0.26
CA ILE A 755 -29.19 20.24 -0.80
C ILE A 755 -30.28 20.06 0.25
N TYR A 756 -30.22 18.98 1.03
CA TYR A 756 -31.19 18.75 2.09
C TYR A 756 -31.18 19.89 3.10
N ILE A 757 -30.00 20.24 3.62
CA ILE A 757 -29.89 21.34 4.57
C ILE A 757 -30.43 22.64 3.94
N THR A 758 -30.02 22.93 2.71
CA THR A 758 -30.25 24.25 2.14
C THR A 758 -31.66 24.45 1.58
N VAL A 759 -32.11 23.51 0.73
CA VAL A 759 -33.42 23.60 0.08
C VAL A 759 -34.52 22.93 0.87
N SER A 760 -34.20 22.15 1.91
CA SER A 760 -35.18 21.47 2.74
C SER A 760 -36.08 20.55 1.92
N VAL A 761 -35.46 19.79 1.02
CA VAL A 761 -36.16 18.70 0.34
C VAL A 761 -36.11 17.49 1.26
N PRO A 762 -37.00 16.52 1.11
CA PRO A 762 -36.87 15.27 1.85
C PRO A 762 -35.53 14.60 1.55
N LEU A 763 -34.95 13.98 2.58
CA LEU A 763 -33.63 13.37 2.56
C LEU A 763 -33.43 12.44 1.37
N PRO A 764 -32.50 12.77 0.46
CA PRO A 764 -32.34 11.92 -0.73
C PRO A 764 -31.53 10.67 -0.48
N LEU A 765 -30.54 10.72 0.41
CA LEU A 765 -29.63 9.61 0.69
C LEU A 765 -29.42 9.50 2.19
N GLY A 766 -29.22 8.28 2.68
CA GLY A 766 -28.96 8.03 4.08
C GLY A 766 -27.50 7.72 4.37
N CYS A 767 -27.13 7.89 5.64
CA CYS A 767 -25.76 7.57 6.06
C CYS A 767 -25.46 6.09 5.94
N ILE A 768 -26.45 5.24 6.25
CA ILE A 768 -26.26 3.79 6.12
C ILE A 768 -25.98 3.43 4.66
N THR A 769 -26.75 4.00 3.73
CA THR A 769 -26.56 3.71 2.33
C THR A 769 -25.24 4.27 1.81
N ILE A 770 -24.82 5.42 2.33
CA ILE A 770 -23.51 5.96 1.99
C ILE A 770 -22.42 4.97 2.38
N LEU A 771 -22.54 4.42 3.59
CA LEU A 771 -21.58 3.41 4.03
C LEU A 771 -21.64 2.17 3.16
N PHE A 772 -22.83 1.80 2.68
CA PHE A 772 -22.93 0.65 1.80
C PHE A 772 -22.19 0.88 0.49
N ILE A 773 -22.30 2.09 -0.05
CA ILE A 773 -21.55 2.45 -1.26
C ILE A 773 -20.05 2.35 -1.01
N ASP A 774 -19.59 2.86 0.12
CA ASP A 774 -18.16 2.89 0.38
C ASP A 774 -17.59 1.51 0.69
N LEU A 775 -18.35 0.68 1.41
CA LEU A 775 -17.78 -0.55 1.95
C LEU A 775 -18.05 -1.75 1.05
N CYS A 776 -19.07 -1.69 0.20
CA CYS A 776 -19.42 -2.85 -0.59
C CYS A 776 -19.18 -2.65 -2.09
N THR A 777 -19.79 -1.63 -2.69
CA THR A 777 -19.79 -1.52 -4.14
C THR A 777 -18.57 -0.76 -4.65
N ASP A 778 -17.82 -0.11 -3.76
CA ASP A 778 -16.66 0.65 -4.21
C ASP A 778 -15.38 -0.17 -4.07
N ILE A 779 -15.42 -1.26 -3.33
CA ILE A 779 -14.19 -1.96 -2.97
C ILE A 779 -13.65 -2.76 -4.16
N PHE A 780 -14.47 -3.66 -4.71
CA PHE A 780 -14.01 -4.54 -5.79
C PHE A 780 -13.57 -3.78 -7.02
N PRO A 781 -14.36 -2.85 -7.58
CA PRO A 781 -13.90 -2.16 -8.81
C PRO A 781 -12.60 -1.38 -8.64
N SER A 782 -12.41 -0.71 -7.51
CA SER A 782 -11.19 0.07 -7.32
C SER A 782 -9.97 -0.82 -7.21
N VAL A 783 -10.10 -1.93 -6.48
CA VAL A 783 -8.99 -2.87 -6.37
C VAL A 783 -8.66 -3.48 -7.72
N SER A 784 -9.69 -3.74 -8.54
CA SER A 784 -9.47 -4.35 -9.84
C SER A 784 -8.68 -3.44 -10.78
N LEU A 785 -8.63 -2.14 -10.49
CA LEU A 785 -7.81 -1.22 -11.27
C LEU A 785 -6.32 -1.37 -10.98
N ALA A 786 -5.95 -2.19 -9.99
CA ALA A 786 -4.56 -2.51 -9.77
C ALA A 786 -4.01 -3.48 -10.80
N TYR A 787 -4.87 -4.06 -11.65
CA TYR A 787 -4.45 -5.01 -12.66
C TYR A 787 -4.30 -4.37 -14.04
N GLU A 788 -4.35 -3.05 -14.13
CA GLU A 788 -4.20 -2.40 -15.42
C GLU A 788 -2.80 -2.59 -15.96
N LYS A 789 -2.69 -2.64 -17.28
CA LYS A 789 -1.39 -2.63 -17.95
C LYS A 789 -0.78 -1.24 -17.87
N ALA A 790 0.50 -1.17 -18.20
CA ALA A 790 1.15 0.13 -18.38
C ALA A 790 0.76 0.70 -19.74
N GLU A 791 0.46 2.00 -19.79
CA GLU A 791 0.10 2.61 -21.06
C GLU A 791 1.32 2.98 -21.89
N SER A 792 2.33 3.58 -21.26
CA SER A 792 3.50 4.07 -21.96
C SER A 792 4.71 3.24 -21.60
N ASP A 793 5.89 3.65 -22.06
CA ASP A 793 7.13 2.95 -21.75
C ASP A 793 7.66 3.48 -20.41
N ILE A 794 7.11 2.90 -19.34
CA ILE A 794 7.48 3.31 -17.99
C ILE A 794 8.97 3.09 -17.76
N MET A 795 9.52 2.01 -18.30
CA MET A 795 10.92 1.70 -18.03
C MET A 795 11.85 2.63 -18.79
N HIS A 796 11.34 3.36 -19.77
CA HIS A 796 12.11 4.43 -20.39
C HIS A 796 11.85 5.78 -19.76
N LEU A 797 10.76 5.93 -19.02
CA LEU A 797 10.50 7.16 -18.29
C LEU A 797 11.58 7.39 -17.23
N ARG A 798 11.79 8.66 -16.88
CA ARG A 798 12.67 9.03 -15.77
C ARG A 798 11.92 8.97 -14.45
N PRO A 799 12.64 8.85 -13.33
CA PRO A 799 11.95 8.72 -12.02
C PRO A 799 11.15 9.98 -11.69
N ARG A 800 10.05 9.78 -10.96
CA ARG A 800 9.23 10.91 -10.56
C ARG A 800 10.00 11.80 -9.60
N ASN A 801 9.67 13.09 -9.63
CA ASN A 801 10.20 14.03 -8.66
C ASN A 801 9.36 13.97 -7.38
N PRO A 802 9.95 13.59 -6.24
CA PRO A 802 9.13 13.44 -5.02
C PRO A 802 8.53 14.74 -4.52
N LYS A 803 9.03 15.89 -4.94
CA LYS A 803 8.41 17.16 -4.56
C LYS A 803 7.30 17.54 -5.51
N ARG A 804 7.50 17.31 -6.81
CA ARG A 804 6.56 17.67 -7.87
C ARG A 804 5.51 16.61 -8.12
N ASP A 805 5.95 15.39 -8.46
CA ASP A 805 5.04 14.31 -8.78
C ASP A 805 4.48 13.72 -7.50
N ARG A 806 3.15 13.58 -7.43
CA ARG A 806 2.48 13.17 -6.22
C ARG A 806 1.40 12.14 -6.56
N LEU A 807 1.03 11.35 -5.56
CA LEU A 807 -0.05 10.39 -5.74
C LEU A 807 -1.37 11.12 -6.04
N VAL A 808 -1.83 11.92 -5.09
CA VAL A 808 -3.03 12.73 -5.31
C VAL A 808 -2.64 14.20 -5.35
N ASN A 809 -2.65 14.76 -6.54
CA ASN A 809 -2.44 16.20 -6.67
C ASN A 809 -3.76 16.91 -6.96
N GLU A 810 -3.67 18.23 -7.03
CA GLU A 810 -4.85 19.07 -7.25
C GLU A 810 -5.57 18.72 -8.55
N PRO A 811 -4.91 18.45 -9.68
CA PRO A 811 -5.68 18.03 -10.87
C PRO A 811 -6.51 16.77 -10.65
N LEU A 812 -5.94 15.72 -10.06
CA LEU A 812 -6.69 14.49 -9.80
C LEU A 812 -7.90 14.81 -8.94
N ALA A 813 -7.66 15.51 -7.83
CA ALA A 813 -8.75 15.77 -6.88
C ALA A 813 -9.84 16.61 -7.52
N ALA A 814 -9.44 17.65 -8.26
CA ALA A 814 -10.42 18.54 -8.87
C ALA A 814 -11.24 17.82 -9.93
N TYR A 815 -10.60 17.07 -10.82
CA TYR A 815 -11.36 16.34 -11.82
C TYR A 815 -12.37 15.42 -11.14
N SER A 816 -11.89 14.55 -10.24
CA SER A 816 -12.76 13.59 -9.59
C SER A 816 -13.91 14.25 -8.84
N TYR A 817 -13.65 15.34 -8.14
CA TYR A 817 -14.64 15.90 -7.24
C TYR A 817 -15.63 16.79 -7.99
N PHE A 818 -15.12 17.74 -8.78
CA PHE A 818 -15.96 18.78 -9.34
C PHE A 818 -16.31 18.57 -10.80
N GLN A 819 -15.93 17.45 -11.42
CA GLN A 819 -16.52 17.20 -12.73
C GLN A 819 -17.27 15.87 -12.76
N ILE A 820 -16.58 14.78 -12.47
CA ILE A 820 -17.22 13.47 -12.52
C ILE A 820 -18.21 13.34 -11.37
N GLY A 821 -17.77 13.73 -10.17
CA GLY A 821 -18.68 13.72 -9.04
C GLY A 821 -19.89 14.60 -9.24
N ALA A 822 -19.71 15.74 -9.91
CA ALA A 822 -20.83 16.61 -10.21
C ALA A 822 -21.82 15.95 -11.16
N ILE A 823 -21.32 15.27 -12.20
CA ILE A 823 -22.22 14.57 -13.10
C ILE A 823 -22.97 13.47 -12.36
N GLN A 824 -22.28 12.72 -11.50
CA GLN A 824 -22.95 11.65 -10.77
C GLN A 824 -24.00 12.20 -9.81
N SER A 825 -23.73 13.36 -9.21
CA SER A 825 -24.75 14.02 -8.40
C SER A 825 -25.96 14.40 -9.23
N PHE A 826 -25.74 14.94 -10.43
CA PHE A 826 -26.87 15.32 -11.29
C PHE A 826 -27.68 14.09 -11.68
N ALA A 827 -27.01 12.98 -11.95
CA ALA A 827 -27.69 11.73 -12.23
C ALA A 827 -28.56 11.31 -11.05
N GLY A 828 -27.98 11.33 -9.84
CA GLY A 828 -28.73 10.93 -8.68
C GLY A 828 -29.96 11.80 -8.46
N PHE A 829 -29.82 13.11 -8.66
CA PHE A 829 -30.94 13.99 -8.41
C PHE A 829 -32.01 13.89 -9.49
N THR A 830 -31.61 13.62 -10.73
CA THR A 830 -32.61 13.34 -11.75
C THR A 830 -33.42 12.10 -11.39
N ASP A 831 -32.74 11.05 -10.94
CA ASP A 831 -33.46 9.84 -10.53
C ASP A 831 -34.36 10.09 -9.32
N TYR A 832 -33.87 10.87 -8.35
CA TYR A 832 -34.63 11.20 -7.16
C TYR A 832 -35.92 11.93 -7.52
N PHE A 833 -35.81 12.98 -8.33
CA PHE A 833 -37.00 13.74 -8.70
C PHE A 833 -37.95 12.90 -9.57
N THR A 834 -37.42 12.05 -10.45
CA THR A 834 -38.28 11.19 -11.25
C THR A 834 -39.07 10.23 -10.36
N ALA A 835 -38.40 9.57 -9.42
CA ALA A 835 -39.09 8.65 -8.53
C ALA A 835 -40.11 9.38 -7.67
N MET A 836 -39.76 10.58 -7.18
CA MET A 836 -40.70 11.36 -6.37
C MET A 836 -41.94 11.74 -7.17
N ALA A 837 -41.76 12.20 -8.41
CA ALA A 837 -42.87 12.71 -9.18
C ALA A 837 -43.77 11.59 -9.68
N GLN A 838 -43.19 10.45 -10.04
CA GLN A 838 -44.01 9.32 -10.48
C GLN A 838 -44.86 8.79 -9.35
N GLU A 839 -44.53 9.12 -8.11
CA GLU A 839 -45.31 8.71 -6.94
C GLU A 839 -46.19 9.82 -6.39
N GLY A 840 -46.33 10.94 -7.10
CA GLY A 840 -47.24 11.99 -6.72
C GLY A 840 -46.63 13.23 -6.11
N TRP A 841 -45.31 13.33 -6.03
CA TRP A 841 -44.63 14.43 -5.36
C TRP A 841 -43.82 15.22 -6.38
N PHE A 842 -44.42 16.28 -6.92
CA PHE A 842 -43.80 17.05 -7.99
C PHE A 842 -42.61 17.85 -7.46
N PRO A 843 -41.64 18.19 -8.32
CA PRO A 843 -40.40 18.78 -7.82
C PRO A 843 -40.58 20.08 -7.06
N LEU A 844 -41.59 20.87 -7.41
CA LEU A 844 -41.84 22.13 -6.72
C LEU A 844 -42.39 21.90 -5.33
N LEU A 845 -43.14 20.82 -5.14
CA LEU A 845 -43.67 20.52 -3.81
C LEU A 845 -42.58 20.02 -2.87
N CYS A 846 -41.58 19.31 -3.41
CA CYS A 846 -40.48 18.82 -2.57
C CYS A 846 -39.68 19.97 -1.96
N VAL A 847 -39.63 21.11 -2.63
CA VAL A 847 -38.84 22.25 -2.15
C VAL A 847 -39.49 22.82 -0.90
N GLY A 848 -38.73 22.88 0.19
CA GLY A 848 -39.26 23.36 1.44
C GLY A 848 -40.13 22.37 2.17
N LEU A 849 -40.24 21.14 1.67
CA LEU A 849 -41.17 20.17 2.23
C LEU A 849 -40.59 19.40 3.40
N ARG A 850 -39.33 19.61 3.76
CA ARG A 850 -38.71 18.81 4.82
C ARG A 850 -39.43 18.96 6.16
N PRO A 851 -39.76 20.17 6.62
CA PRO A 851 -40.42 20.28 7.94
C PRO A 851 -41.75 19.54 8.04
N GLN A 852 -42.60 19.62 7.01
CA GLN A 852 -43.87 18.88 7.07
C GLN A 852 -43.66 17.41 6.80
N TRP A 853 -42.71 17.08 5.93
CA TRP A 853 -42.43 15.68 5.61
C TRP A 853 -41.99 14.91 6.84
N GLU A 854 -41.10 15.49 7.64
CA GLU A 854 -40.59 14.86 8.86
C GLU A 854 -41.35 15.30 10.10
N ASN A 855 -42.68 15.22 10.08
CA ASN A 855 -43.49 15.57 11.24
C ASN A 855 -44.32 14.35 11.62
N HIS A 856 -44.00 13.76 12.77
CA HIS A 856 -44.76 12.63 13.29
C HIS A 856 -46.20 12.99 13.63
N HIS A 857 -46.49 14.28 13.80
CA HIS A 857 -47.85 14.71 14.11
C HIS A 857 -48.64 15.09 12.88
N LEU A 858 -48.06 15.00 11.70
CA LEU A 858 -48.74 15.30 10.44
C LEU A 858 -48.95 13.98 9.73
N GLN A 859 -50.12 13.36 9.95
CA GLN A 859 -50.43 12.07 9.36
C GLN A 859 -51.30 12.18 8.12
N ASP A 860 -51.60 13.39 7.66
CA ASP A 860 -52.38 13.55 6.43
C ASP A 860 -51.81 14.65 5.56
N LEU A 861 -50.49 14.63 5.36
CA LEU A 861 -49.85 15.55 4.42
C LEU A 861 -50.28 15.23 3.00
N GLN A 862 -50.58 16.27 2.23
CA GLN A 862 -51.08 16.09 0.86
C GLN A 862 -49.94 16.19 -0.14
N ASP A 863 -50.02 15.37 -1.20
CA ASP A 863 -49.06 15.42 -2.28
C ASP A 863 -49.59 16.30 -3.40
N SER A 864 -48.92 16.29 -4.56
CA SER A 864 -49.29 17.19 -5.64
C SER A 864 -50.61 16.82 -6.29
N TYR A 865 -51.15 15.64 -5.99
CA TYR A 865 -52.45 15.21 -6.49
C TYR A 865 -53.56 15.37 -5.47
N GLY A 866 -53.26 15.84 -4.26
CA GLY A 866 -54.24 15.88 -3.21
C GLY A 866 -54.33 14.63 -2.36
N GLN A 867 -53.51 13.62 -2.62
CA GLN A 867 -53.52 12.40 -1.83
C GLN A 867 -52.90 12.66 -0.47
N GLU A 868 -53.47 12.03 0.57
CA GLU A 868 -53.02 12.26 1.93
C GLU A 868 -52.16 11.11 2.42
N TRP A 869 -51.01 11.44 2.98
CA TRP A 869 -49.96 10.49 3.30
C TRP A 869 -49.70 10.45 4.80
N THR A 870 -49.50 9.27 5.34
CA THR A 870 -49.07 9.15 6.72
C THR A 870 -47.55 9.26 6.82
N PHE A 871 -47.06 9.34 8.06
CA PHE A 871 -45.63 9.40 8.29
C PHE A 871 -44.93 8.12 7.84
N GLY A 872 -45.54 6.96 8.10
CA GLY A 872 -44.93 5.71 7.68
C GLY A 872 -44.82 5.59 6.16
N GLN A 873 -45.85 6.03 5.46
CA GLN A 873 -45.83 5.97 4.00
C GLN A 873 -44.83 6.98 3.43
N ARG A 874 -44.74 8.16 4.06
CA ARG A 874 -43.72 9.12 3.63
C ARG A 874 -42.32 8.58 3.89
N LEU A 875 -42.11 7.90 5.01
CA LEU A 875 -40.80 7.32 5.28
C LEU A 875 -40.43 6.25 4.26
N TYR A 876 -41.39 5.40 3.89
CA TYR A 876 -41.09 4.38 2.90
C TYR A 876 -40.80 5.00 1.54
N GLN A 877 -41.49 6.09 1.19
CA GLN A 877 -41.14 6.82 -0.02
C GLN A 877 -39.73 7.40 0.08
N GLN A 878 -39.34 7.90 1.26
CA GLN A 878 -37.99 8.40 1.45
C GLN A 878 -36.96 7.29 1.25
N TYR A 879 -37.27 6.07 1.71
CA TYR A 879 -36.39 4.93 1.49
C TYR A 879 -36.28 4.60 0.00
N THR A 880 -37.38 4.75 -0.74
CA THR A 880 -37.31 4.62 -2.19
C THR A 880 -36.36 5.65 -2.80
N CYS A 881 -36.40 6.89 -2.29
CA CYS A 881 -35.45 7.89 -2.75
C CYS A 881 -34.01 7.48 -2.44
N TYR A 882 -33.78 6.92 -1.24
CA TYR A 882 -32.46 6.41 -0.90
C TYR A 882 -31.96 5.42 -1.94
N THR A 883 -32.79 4.42 -2.24
CA THR A 883 -32.38 3.37 -3.17
C THR A 883 -32.14 3.92 -4.55
N VAL A 884 -32.99 4.85 -5.00
CA VAL A 884 -32.85 5.40 -6.34
C VAL A 884 -31.53 6.17 -6.45
N PHE A 885 -31.15 6.90 -5.39
CA PHE A 885 -29.87 7.60 -5.40
C PHE A 885 -28.70 6.63 -5.36
N PHE A 886 -28.82 5.57 -4.56
CA PHE A 886 -27.78 4.55 -4.46
C PHE A 886 -27.53 3.87 -5.80
N ILE A 887 -28.60 3.52 -6.50
CA ILE A 887 -28.48 2.86 -7.79
C ILE A 887 -27.91 3.81 -8.85
N SER A 888 -28.29 5.10 -8.79
CA SER A 888 -27.69 6.06 -9.70
C SER A 888 -26.19 6.14 -9.51
N ILE A 889 -25.74 6.17 -8.25
CA ILE A 889 -24.31 6.20 -7.97
C ILE A 889 -23.63 4.93 -8.47
N VAL A 890 -24.28 3.77 -8.29
CA VAL A 890 -23.67 2.50 -8.71
C VAL A 890 -23.45 2.49 -10.21
N MET A 891 -24.45 2.90 -10.99
CA MET A 891 -24.30 2.89 -12.45
C MET A 891 -23.25 3.91 -12.90
N CYS A 892 -23.30 5.12 -12.35
CA CYS A 892 -22.28 6.09 -12.71
C CYS A 892 -20.89 5.63 -12.31
N GLN A 893 -20.77 4.82 -11.25
CA GLN A 893 -19.48 4.28 -10.87
C GLN A 893 -19.02 3.19 -11.84
N ILE A 894 -19.95 2.44 -12.43
CA ILE A 894 -19.56 1.53 -13.50
C ILE A 894 -18.91 2.30 -14.64
N ALA A 895 -19.56 3.37 -15.09
CA ALA A 895 -18.95 4.18 -16.16
C ALA A 895 -17.62 4.78 -15.71
N ASP A 896 -17.53 5.18 -14.44
CA ASP A 896 -16.31 5.81 -13.94
C ASP A 896 -15.15 4.82 -13.90
N VAL A 897 -15.41 3.57 -13.52
CA VAL A 897 -14.31 2.60 -13.54
C VAL A 897 -13.93 2.28 -14.98
N LEU A 898 -14.89 2.35 -15.90
CA LEU A 898 -14.53 2.14 -17.30
C LEU A 898 -13.64 3.28 -17.82
N ILE A 899 -13.83 4.51 -17.32
CA ILE A 899 -12.95 5.59 -17.76
C ILE A 899 -11.66 5.70 -16.94
N ARG A 900 -11.58 5.10 -15.75
CA ARG A 900 -10.39 5.22 -14.93
C ARG A 900 -9.29 4.25 -15.34
N LYS A 901 -9.56 3.37 -16.31
CA LYS A 901 -8.58 2.37 -16.71
C LYS A 901 -7.33 3.04 -17.27
N THR A 902 -7.49 4.20 -17.90
CA THR A 902 -6.40 4.91 -18.54
C THR A 902 -6.43 6.38 -18.13
N ARG A 903 -5.28 7.03 -18.24
CA ARG A 903 -5.22 8.47 -18.02
C ARG A 903 -4.84 9.26 -19.26
N ARG A 904 -4.27 8.61 -20.27
CA ARG A 904 -3.79 9.30 -21.47
C ARG A 904 -4.15 8.54 -22.73
N LEU A 905 -4.81 7.40 -22.59
CA LEU A 905 -5.07 6.52 -23.72
C LEU A 905 -6.56 6.22 -23.79
N SER A 906 -7.01 5.85 -24.99
CA SER A 906 -8.42 5.61 -25.21
C SER A 906 -8.83 4.22 -24.73
N ALA A 907 -10.07 4.12 -24.24
CA ALA A 907 -10.65 2.81 -23.95
C ALA A 907 -10.78 1.96 -25.21
N PHE A 908 -11.11 2.58 -26.34
CA PHE A 908 -11.21 1.82 -27.59
C PHE A 908 -9.84 1.30 -28.00
N GLN A 909 -8.79 2.02 -27.64
CA GLN A 909 -7.43 1.63 -28.02
C GLN A 909 -6.89 0.55 -27.10
N GLN A 910 -7.07 0.70 -25.79
CA GLN A 910 -6.54 -0.29 -24.87
C GLN A 910 -7.43 -1.52 -24.73
N GLY A 911 -8.70 -1.44 -25.11
CA GLY A 911 -9.60 -2.56 -25.00
C GLY A 911 -10.33 -2.62 -23.66
N PHE A 912 -11.63 -2.86 -23.72
CA PHE A 912 -12.48 -2.91 -22.55
C PHE A 912 -12.32 -4.16 -21.71
N PHE A 913 -12.03 -5.30 -22.34
CA PHE A 913 -12.06 -6.58 -21.65
C PHE A 913 -10.68 -7.17 -21.42
N ARG A 914 -9.61 -6.38 -21.66
CA ARG A 914 -8.26 -6.83 -21.39
C ARG A 914 -8.12 -7.27 -19.94
N ASN A 915 -8.75 -6.54 -19.03
CA ASN A 915 -8.71 -6.80 -17.60
C ASN A 915 -9.95 -7.59 -17.22
N ARG A 916 -9.79 -8.89 -16.98
CA ARG A 916 -10.94 -9.71 -16.63
C ARG A 916 -11.46 -9.34 -15.25
N ILE A 917 -10.57 -8.94 -14.34
CA ILE A 917 -10.96 -8.59 -12.98
C ILE A 917 -11.90 -7.39 -13.00
N LEU A 918 -11.67 -6.45 -13.92
CA LEU A 918 -12.53 -5.28 -14.01
C LEU A 918 -13.95 -5.66 -14.42
N VAL A 919 -14.08 -6.52 -15.43
CA VAL A 919 -15.43 -6.89 -15.88
C VAL A 919 -16.12 -7.72 -14.81
N ILE A 920 -15.39 -8.56 -14.10
CA ILE A 920 -16.01 -9.33 -13.03
C ILE A 920 -16.45 -8.40 -11.91
N ALA A 921 -15.67 -7.35 -11.63
CA ALA A 921 -16.05 -6.39 -10.61
C ALA A 921 -17.29 -5.60 -11.02
N ILE A 922 -17.43 -5.30 -12.30
CA ILE A 922 -18.64 -4.64 -12.80
C ILE A 922 -19.86 -5.54 -12.61
N VAL A 923 -19.73 -6.81 -13.01
CA VAL A 923 -20.82 -7.76 -12.82
C VAL A 923 -21.18 -7.87 -11.34
N PHE A 924 -20.16 -7.87 -10.49
CA PHE A 924 -20.37 -7.96 -9.05
C PHE A 924 -21.14 -6.75 -8.55
N GLN A 925 -20.77 -5.55 -9.00
CA GLN A 925 -21.43 -4.33 -8.55
C GLN A 925 -22.91 -4.34 -8.92
N VAL A 926 -23.22 -4.75 -10.14
CA VAL A 926 -24.63 -4.84 -10.54
C VAL A 926 -25.37 -5.89 -9.70
N CYS A 927 -24.74 -7.04 -9.46
CA CYS A 927 -25.39 -8.10 -8.70
C CYS A 927 -25.70 -7.66 -7.27
N ILE A 928 -24.75 -6.97 -6.62
CA ILE A 928 -25.01 -6.52 -5.25
C ILE A 928 -26.06 -5.42 -5.23
N GLY A 929 -26.09 -4.55 -6.23
CA GLY A 929 -27.19 -3.60 -6.30
C GLY A 929 -28.54 -4.30 -6.37
N CYS A 930 -28.64 -5.32 -7.23
CA CYS A 930 -29.90 -6.05 -7.37
C CYS A 930 -30.25 -6.81 -6.10
N PHE A 931 -29.27 -7.43 -5.44
CA PHE A 931 -29.57 -8.19 -4.24
C PHE A 931 -30.06 -7.27 -3.13
N LEU A 932 -29.39 -6.12 -2.96
CA LEU A 932 -29.79 -5.16 -1.93
C LEU A 932 -31.18 -4.61 -2.21
N CYS A 933 -31.50 -4.36 -3.48
CA CYS A 933 -32.83 -3.86 -3.80
C CYS A 933 -33.92 -4.89 -3.60
N TYR A 934 -33.68 -6.14 -3.98
CA TYR A 934 -34.79 -7.07 -4.16
C TYR A 934 -34.80 -8.24 -3.19
N CYS A 935 -33.88 -8.29 -2.22
CA CYS A 935 -33.97 -9.31 -1.19
C CYS A 935 -35.16 -9.02 -0.28
N PRO A 936 -35.92 -10.02 0.13
CA PRO A 936 -37.00 -9.78 1.10
C PRO A 936 -36.43 -9.29 2.44
N GLY A 937 -37.16 -8.37 3.08
CA GLY A 937 -36.81 -7.85 4.39
C GLY A 937 -35.92 -6.61 4.38
N MET A 938 -35.30 -6.30 3.25
CA MET A 938 -34.39 -5.16 3.20
C MET A 938 -35.00 -3.82 3.58
N PRO A 939 -36.26 -3.50 3.22
CA PRO A 939 -36.83 -2.21 3.66
C PRO A 939 -36.76 -1.99 5.14
N ASN A 940 -36.80 -3.08 5.91
CA ASN A 940 -36.71 -2.96 7.36
C ASN A 940 -35.27 -3.13 7.83
N ILE A 941 -34.46 -3.89 7.08
CA ILE A 941 -33.08 -4.13 7.50
C ILE A 941 -32.20 -2.91 7.27
N PHE A 942 -32.00 -2.54 6.00
CA PHE A 942 -31.02 -1.52 5.64
C PHE A 942 -31.62 -0.34 4.88
N ASN A 943 -32.94 -0.22 4.89
CA ASN A 943 -33.66 0.86 4.20
C ASN A 943 -33.39 0.86 2.70
N PHE A 944 -33.53 -0.32 2.10
CA PHE A 944 -33.46 -0.50 0.65
C PHE A 944 -34.82 -0.98 0.19
N MET A 945 -35.34 -0.37 -0.86
CA MET A 945 -36.65 -0.63 -1.42
C MET A 945 -36.54 -1.39 -2.72
N PRO A 946 -37.52 -2.21 -3.06
CA PRO A 946 -37.54 -2.79 -4.40
C PRO A 946 -38.01 -1.77 -5.42
N ILE A 947 -37.08 -1.25 -6.21
CA ILE A 947 -37.41 -0.13 -7.09
C ILE A 947 -37.81 -0.65 -8.46
N ARG A 948 -38.59 0.16 -9.17
CA ARG A 948 -38.97 -0.14 -10.53
C ARG A 948 -37.79 0.06 -11.47
N PHE A 949 -37.85 -0.62 -12.62
CA PHE A 949 -36.68 -0.75 -13.47
C PHE A 949 -36.36 0.52 -14.25
N GLN A 950 -37.39 1.31 -14.58
CA GLN A 950 -37.13 2.57 -15.28
C GLN A 950 -36.21 3.45 -14.46
N TRP A 951 -36.25 3.31 -13.13
CA TRP A 951 -35.36 4.04 -12.26
C TRP A 951 -33.94 3.49 -12.28
N TRP A 952 -33.75 2.23 -12.70
CA TRP A 952 -32.42 1.79 -13.09
C TRP A 952 -32.00 2.46 -14.39
N LEU A 953 -32.91 2.60 -15.34
CA LEU A 953 -32.52 3.10 -16.66
C LEU A 953 -32.25 4.60 -16.67
N VAL A 954 -32.81 5.35 -15.73
CA VAL A 954 -32.70 6.82 -15.78
C VAL A 954 -31.26 7.32 -15.76
N PRO A 955 -30.35 6.81 -14.92
CA PRO A 955 -28.98 7.36 -14.90
C PRO A 955 -28.03 6.82 -15.98
N MET A 956 -28.50 5.94 -16.88
CA MET A 956 -27.62 5.47 -17.96
C MET A 956 -27.19 6.55 -18.92
N PRO A 957 -28.05 7.50 -19.32
CA PRO A 957 -27.53 8.66 -20.10
C PRO A 957 -26.41 9.41 -19.40
N PHE A 958 -26.48 9.57 -18.07
CA PHE A 958 -25.40 10.26 -17.37
C PHE A 958 -24.14 9.41 -17.32
N SER A 959 -24.29 8.10 -17.16
CA SER A 959 -23.13 7.21 -17.29
C SER A 959 -22.47 7.39 -18.65
N LEU A 960 -23.28 7.42 -19.70
CA LEU A 960 -22.77 7.57 -21.05
C LEU A 960 -22.10 8.93 -21.24
N LEU A 961 -22.66 9.98 -20.64
CA LEU A 961 -22.07 11.30 -20.75
C LEU A 961 -20.73 11.38 -20.05
N ILE A 962 -20.62 10.75 -18.88
CA ILE A 962 -19.33 10.62 -18.20
C ILE A 962 -18.31 9.98 -19.14
N PHE A 963 -18.69 8.85 -19.73
CA PHE A 963 -17.78 8.10 -20.59
C PHE A 963 -17.36 8.94 -21.80
N VAL A 964 -18.32 9.55 -22.47
CA VAL A 964 -18.04 10.31 -23.69
C VAL A 964 -17.15 11.51 -23.38
N TYR A 965 -17.47 12.25 -22.31
CA TYR A 965 -16.74 13.46 -22.03
C TYR A 965 -15.31 13.15 -21.59
N ASP A 966 -15.13 12.08 -20.81
CA ASP A 966 -13.78 11.68 -20.43
C ASP A 966 -12.97 11.24 -21.66
N GLU A 967 -13.60 10.51 -22.58
CA GLU A 967 -12.89 10.09 -23.79
C GLU A 967 -12.49 11.28 -24.66
N ILE A 968 -13.37 12.28 -24.75
CA ILE A 968 -13.04 13.49 -25.52
C ILE A 968 -11.93 14.28 -24.85
N ARG A 969 -11.93 14.32 -23.51
CA ARG A 969 -10.84 14.98 -22.79
C ARG A 969 -9.51 14.30 -23.08
N LYS A 970 -9.49 12.98 -23.03
CA LYS A 970 -8.25 12.26 -23.32
C LYS A 970 -7.82 12.46 -24.76
N LEU A 971 -8.78 12.50 -25.68
CA LEU A 971 -8.48 12.75 -27.09
C LEU A 971 -7.80 14.10 -27.27
N GLY A 972 -8.33 15.14 -26.62
CA GLY A 972 -7.70 16.45 -26.69
C GLY A 972 -6.30 16.46 -26.09
N VAL A 973 -6.13 15.77 -24.97
CA VAL A 973 -4.80 15.69 -24.35
C VAL A 973 -3.81 15.03 -25.31
N ARG A 974 -4.22 13.97 -25.99
CA ARG A 974 -3.34 13.29 -26.93
C ARG A 974 -3.04 14.15 -28.16
N CYS A 975 -4.07 14.81 -28.70
CA CYS A 975 -3.89 15.53 -29.96
C CYS A 975 -3.01 16.76 -29.76
N CYS A 976 -3.24 17.51 -28.69
CA CYS A 976 -2.49 18.75 -28.46
C CYS A 976 -1.69 18.64 -27.16
N PRO A 977 -0.46 18.13 -27.21
CA PRO A 977 0.33 18.03 -25.97
C PRO A 977 0.80 19.38 -25.44
N GLY A 978 1.18 20.31 -26.30
CA GLY A 978 1.62 21.60 -25.81
C GLY A 978 0.49 22.61 -25.75
N SER A 979 -0.54 22.32 -24.97
CA SER A 979 -1.76 23.12 -24.99
C SER A 979 -2.24 23.38 -23.56
N TRP A 980 -3.01 24.45 -23.41
CA TRP A 980 -3.63 24.74 -22.12
C TRP A 980 -4.55 23.61 -21.69
N TRP A 981 -5.21 22.95 -22.64
CA TRP A 981 -6.05 21.80 -22.32
C TRP A 981 -5.24 20.71 -21.66
N ASP A 982 -4.11 20.32 -22.27
CA ASP A 982 -3.27 19.30 -21.67
C ASP A 982 -2.70 19.76 -20.35
N GLN A 983 -2.41 21.06 -20.21
CA GLN A 983 -1.79 21.54 -18.99
C GLN A 983 -2.77 21.56 -17.82
N GLU A 984 -4.04 21.87 -18.06
CA GLU A 984 -4.98 22.06 -16.98
C GLU A 984 -5.85 20.82 -16.72
N LEU A 985 -6.29 20.14 -17.78
CA LEU A 985 -7.22 19.03 -17.65
C LEU A 985 -6.58 17.66 -17.75
N TYR A 986 -5.25 17.56 -17.79
CA TYR A 986 -4.62 16.26 -17.61
C TYR A 986 -4.45 15.98 -16.12
N TYR A 987 -4.61 14.72 -15.73
CA TYR A 987 -4.28 14.33 -14.36
C TYR A 987 -3.48 13.05 -14.32
N MET B 1 -2.41 34.44 -6.71
CA MET B 1 -1.27 33.84 -7.42
C MET B 1 -0.92 32.57 -6.66
N LEU B 2 -1.94 31.90 -6.15
CA LEU B 2 -1.78 30.73 -5.31
C LEU B 2 -1.82 29.50 -6.20
N GLY B 3 -0.65 28.96 -6.49
CA GLY B 3 -0.53 27.84 -7.43
C GLY B 3 -0.34 28.21 -8.89
N ARG B 4 -1.01 29.27 -9.35
CA ARG B 4 -0.96 29.67 -10.74
C ARG B 4 -1.28 31.15 -10.87
N THR B 5 -0.90 31.72 -12.01
CA THR B 5 -1.05 33.15 -12.21
C THR B 5 -2.52 33.54 -12.36
N LEU B 6 -2.77 34.85 -12.40
CA LEU B 6 -4.15 35.34 -12.42
C LEU B 6 -4.87 35.00 -13.71
N SER B 7 -4.20 35.13 -14.86
CA SER B 7 -4.86 34.81 -16.13
C SER B 7 -5.35 33.37 -16.14
N ARG B 8 -4.51 32.45 -15.66
CA ARG B 8 -4.90 31.04 -15.58
C ARG B 8 -6.06 30.83 -14.63
N TRP B 9 -6.14 31.60 -13.54
CA TRP B 9 -7.29 31.52 -12.65
C TRP B 9 -8.59 31.85 -13.39
N VAL B 10 -8.55 32.93 -14.16
CA VAL B 10 -9.71 33.31 -14.96
C VAL B 10 -10.08 32.18 -15.92
N TRP B 11 -9.08 31.57 -16.56
CA TRP B 11 -9.39 30.54 -17.55
C TRP B 11 -10.02 29.30 -16.91
N ILE B 12 -9.46 28.83 -15.80
CA ILE B 12 -10.01 27.63 -15.16
C ILE B 12 -11.39 27.94 -14.60
N SER B 13 -11.59 29.16 -14.10
CA SER B 13 -12.91 29.54 -13.60
C SER B 13 -13.94 29.59 -14.73
N LEU B 14 -13.56 30.13 -15.88
CA LEU B 14 -14.48 30.18 -17.02
C LEU B 14 -14.80 28.77 -17.50
N TYR B 15 -13.82 27.88 -17.51
CA TYR B 15 -14.09 26.50 -17.92
C TYR B 15 -15.07 25.85 -16.95
N TYR B 16 -14.88 26.06 -15.65
CA TYR B 16 -15.77 25.42 -14.68
C TYR B 16 -17.17 26.01 -14.75
N VAL B 17 -17.28 27.31 -15.01
CA VAL B 17 -18.57 27.94 -15.22
C VAL B 17 -19.27 27.34 -16.43
N ALA B 18 -18.56 27.16 -17.53
CA ALA B 18 -19.17 26.56 -18.71
C ALA B 18 -19.63 25.14 -18.42
N PHE B 19 -18.79 24.36 -17.72
CA PHE B 19 -19.12 22.98 -17.41
C PHE B 19 -20.40 22.90 -16.58
N TYR B 20 -20.49 23.72 -15.53
CA TYR B 20 -21.62 23.64 -14.63
C TYR B 20 -22.88 24.21 -15.28
N VAL B 21 -22.72 25.19 -16.17
CA VAL B 21 -23.87 25.71 -16.91
C VAL B 21 -24.43 24.63 -17.83
N VAL B 22 -23.56 23.91 -18.53
CA VAL B 22 -24.03 22.86 -19.43
C VAL B 22 -24.71 21.74 -18.65
N MET B 23 -24.12 21.35 -17.51
CA MET B 23 -24.73 20.29 -16.71
C MET B 23 -26.07 20.73 -16.14
N SER B 24 -26.18 21.98 -15.68
CA SER B 24 -27.45 22.47 -15.17
C SER B 24 -28.50 22.53 -16.26
N GLY B 25 -28.09 22.90 -17.49
CA GLY B 25 -29.02 22.86 -18.60
C GLY B 25 -29.50 21.46 -18.93
N ILE B 26 -28.61 20.48 -18.87
CA ILE B 26 -29.01 19.10 -19.09
C ILE B 26 -30.01 18.65 -18.02
N PHE B 27 -29.75 19.02 -16.76
CA PHE B 27 -30.66 18.67 -15.67
C PHE B 27 -32.03 19.34 -15.85
N ALA B 28 -32.03 20.61 -16.25
CA ALA B 28 -33.29 21.31 -16.50
C ALA B 28 -34.05 20.64 -17.63
N LEU B 29 -33.35 20.20 -18.67
CA LEU B 29 -34.02 19.47 -19.76
C LEU B 29 -34.63 18.17 -19.26
N CYS B 30 -33.91 17.43 -18.42
CA CYS B 30 -34.44 16.17 -17.90
C CYS B 30 -35.70 16.41 -17.08
N ILE B 31 -35.69 17.44 -16.23
CA ILE B 31 -36.88 17.71 -15.43
C ILE B 31 -38.03 18.21 -16.29
N TYR B 32 -37.73 19.01 -17.32
CA TYR B 32 -38.77 19.43 -18.24
C TYR B 32 -39.43 18.24 -18.93
N VAL B 33 -38.61 17.31 -19.43
CA VAL B 33 -39.16 16.13 -20.08
C VAL B 33 -39.97 15.29 -19.10
N LEU B 34 -39.50 15.18 -17.86
CA LEU B 34 -40.22 14.40 -16.85
C LEU B 34 -41.59 15.01 -16.57
N MET B 35 -41.66 16.34 -16.44
CA MET B 35 -42.95 16.98 -16.18
C MET B 35 -43.85 16.94 -17.41
N ARG B 36 -43.26 16.89 -18.60
CA ARG B 36 -44.05 16.67 -19.80
C ARG B 36 -44.70 15.30 -19.80
N THR B 37 -43.97 14.28 -19.34
CA THR B 37 -44.55 12.94 -19.30
C THR B 37 -45.51 12.75 -18.14
N ILE B 38 -45.35 13.49 -17.04
CA ILE B 38 -46.19 13.26 -15.87
C ILE B 38 -47.64 13.62 -16.19
N ASP B 39 -48.57 12.71 -15.83
CA ASP B 39 -49.98 12.89 -16.12
C ASP B 39 -50.62 13.80 -15.08
N PRO B 40 -51.37 14.81 -15.50
CA PRO B 40 -51.85 15.81 -14.54
C PRO B 40 -53.01 15.36 -13.66
N TYR B 41 -53.59 14.18 -13.89
CA TYR B 41 -54.77 13.81 -13.12
C TYR B 41 -54.53 12.61 -12.20
N THR B 42 -53.80 11.61 -12.67
CA THR B 42 -53.60 10.38 -11.92
C THR B 42 -52.12 10.15 -11.69
N PRO B 43 -51.69 9.84 -10.47
CA PRO B 43 -50.30 9.47 -10.25
C PRO B 43 -49.92 8.22 -11.02
N ASP B 44 -48.65 8.17 -11.43
CA ASP B 44 -48.15 7.01 -12.17
C ASP B 44 -48.28 5.74 -11.34
N TYR B 45 -47.96 5.83 -10.06
CA TYR B 45 -47.92 4.66 -9.19
C TYR B 45 -48.38 5.04 -7.80
N GLN B 46 -48.80 4.03 -7.04
CA GLN B 46 -49.25 4.19 -5.66
C GLN B 46 -48.65 3.08 -4.81
N ASP B 47 -47.33 2.93 -4.92
CA ASP B 47 -46.63 1.84 -4.27
C ASP B 47 -46.73 1.92 -2.75
N GLN B 48 -46.80 3.13 -2.20
CA GLN B 48 -46.85 3.32 -0.75
C GLN B 48 -48.23 3.69 -0.25
N LEU B 49 -49.26 3.66 -1.09
CA LEU B 49 -50.61 4.05 -0.71
C LEU B 49 -51.58 2.89 -0.89
N LYS B 50 -51.13 1.68 -0.58
CA LYS B 50 -51.94 0.49 -0.80
C LYS B 50 -53.17 0.49 0.10
N SER B 51 -53.03 0.98 1.33
CA SER B 51 -54.16 1.13 2.23
C SER B 51 -54.14 2.54 2.81
N PRO B 52 -55.30 3.20 2.92
CA PRO B 52 -55.31 4.59 3.39
C PRO B 52 -55.03 4.72 4.88
N GLY B 53 -54.43 5.84 5.24
CA GLY B 53 -54.26 6.16 6.63
C GLY B 53 -55.50 6.78 7.22
N VAL B 54 -55.56 6.78 8.55
CA VAL B 54 -56.72 7.24 9.29
C VAL B 54 -56.24 8.21 10.36
N THR B 55 -56.92 9.34 10.46
CA THR B 55 -56.59 10.38 11.42
C THR B 55 -57.86 10.76 12.19
N LEU B 56 -57.67 11.36 13.36
CA LEU B 56 -58.80 11.74 14.19
C LEU B 56 -58.65 13.18 14.64
N ARG B 57 -59.78 13.79 14.98
CA ARG B 57 -59.84 15.13 15.53
C ARG B 57 -60.60 15.09 16.85
N PRO B 58 -60.17 15.85 17.86
CA PRO B 58 -58.97 16.71 17.87
C PRO B 58 -57.66 15.94 18.02
N ASP B 59 -56.64 16.37 17.28
CA ASP B 59 -55.35 15.66 17.27
C ASP B 59 -54.44 16.32 18.31
N VAL B 60 -54.30 15.68 19.46
CA VAL B 60 -53.38 16.10 20.50
C VAL B 60 -52.40 14.96 20.74
N TYR B 61 -51.13 15.19 20.42
CA TYR B 61 -50.11 14.15 20.45
C TYR B 61 -49.31 14.23 21.75
N GLY B 62 -49.11 13.08 22.38
CA GLY B 62 -48.39 13.04 23.64
C GLY B 62 -46.98 12.48 23.52
N GLU B 63 -46.80 11.24 23.96
CA GLU B 63 -45.50 10.58 23.96
C GLU B 63 -45.49 9.59 22.79
N LYS B 64 -45.18 10.09 21.59
CA LYS B 64 -45.17 9.29 20.37
C LYS B 64 -46.55 8.75 20.05
N GLY B 65 -47.60 9.43 20.49
CA GLY B 65 -48.96 8.98 20.21
C GLY B 65 -49.99 10.00 20.62
N LEU B 66 -51.23 9.75 20.21
CA LEU B 66 -52.33 10.67 20.41
C LEU B 66 -52.84 10.63 21.84
N ASP B 67 -52.46 11.61 22.65
CA ASP B 67 -52.79 11.64 24.07
C ASP B 67 -53.76 12.79 24.30
N ILE B 68 -54.97 12.46 24.73
CA ILE B 68 -56.02 13.45 24.97
C ILE B 68 -56.44 13.32 26.43
N SER B 69 -56.20 14.37 27.20
CA SER B 69 -56.52 14.37 28.62
C SER B 69 -57.21 15.66 28.97
N TYR B 70 -58.35 15.55 29.64
CA TYR B 70 -59.04 16.75 30.08
C TYR B 70 -59.78 16.44 31.37
N ASN B 71 -60.03 17.50 32.12
CA ASN B 71 -60.75 17.45 33.38
C ASN B 71 -62.08 18.15 33.17
N VAL B 72 -63.18 17.43 33.42
CA VAL B 72 -64.50 17.94 33.03
C VAL B 72 -64.84 19.21 33.79
N SER B 73 -64.49 19.28 35.09
CA SER B 73 -64.97 20.36 35.93
C SER B 73 -64.34 21.70 35.54
N ASP B 74 -63.12 21.67 35.02
CA ASP B 74 -62.44 22.89 34.58
C ASP B 74 -62.65 23.02 33.07
N SER B 75 -63.29 24.12 32.67
CA SER B 75 -63.62 24.32 31.26
C SER B 75 -62.38 24.55 30.41
N THR B 76 -61.40 25.27 30.95
CA THR B 76 -60.20 25.61 30.19
C THR B 76 -59.38 24.37 29.81
N THR B 77 -59.64 23.24 30.48
CA THR B 77 -58.96 22.01 30.09
C THR B 77 -59.40 21.55 28.70
N TRP B 78 -60.68 21.69 28.37
CA TRP B 78 -61.19 21.25 27.08
C TRP B 78 -61.50 22.38 26.12
N ALA B 79 -61.18 23.62 26.49
CA ALA B 79 -61.45 24.75 25.60
C ALA B 79 -60.68 24.62 24.29
N GLY B 80 -59.42 24.18 24.37
CA GLY B 80 -58.64 23.99 23.15
C GLY B 80 -59.22 22.92 22.24
N LEU B 81 -59.65 21.81 22.82
CA LEU B 81 -60.23 20.73 22.02
C LEU B 81 -61.49 21.21 21.33
N ALA B 82 -62.35 21.93 22.05
CA ALA B 82 -63.57 22.44 21.43
C ALA B 82 -63.24 23.43 20.32
N HIS B 83 -62.26 24.31 20.54
CA HIS B 83 -61.95 25.34 19.56
C HIS B 83 -61.41 24.70 18.29
N THR B 84 -60.55 23.69 18.42
CA THR B 84 -59.99 23.06 17.23
C THR B 84 -61.03 22.24 16.48
N LEU B 85 -61.97 21.61 17.20
CA LEU B 85 -63.04 20.92 16.51
C LEU B 85 -63.90 21.89 15.71
N HIS B 86 -64.22 23.05 16.30
CA HIS B 86 -64.95 24.08 15.57
C HIS B 86 -64.18 24.56 14.34
N ARG B 87 -62.88 24.78 14.50
CA ARG B 87 -62.08 25.24 13.36
C ARG B 87 -62.06 24.20 12.25
N PHE B 88 -62.02 22.92 12.61
CA PHE B 88 -62.05 21.87 11.60
C PHE B 88 -63.40 21.78 10.91
N LEU B 89 -64.49 22.04 11.63
CA LEU B 89 -65.82 21.94 11.02
C LEU B 89 -66.21 23.19 10.23
N ALA B 90 -65.50 24.30 10.44
CA ALA B 90 -65.76 25.50 9.63
C ALA B 90 -65.55 25.21 8.15
N GLY B 91 -64.65 24.28 7.82
CA GLY B 91 -64.46 23.87 6.44
C GLY B 91 -65.55 22.99 5.89
N TYR B 92 -66.39 22.43 6.76
CA TYR B 92 -67.55 21.65 6.35
C TYR B 92 -68.86 22.41 6.53
N SER B 93 -68.79 23.67 6.94
CA SER B 93 -69.99 24.51 6.92
C SER B 93 -70.57 24.57 5.51
N PRO B 94 -71.89 24.73 5.37
CA PRO B 94 -72.46 24.65 4.02
C PRO B 94 -72.04 25.79 3.11
N ALA B 95 -71.54 26.90 3.67
CA ALA B 95 -70.96 27.94 2.84
C ALA B 95 -69.75 27.43 2.07
N ALA B 96 -68.88 26.66 2.73
CA ALA B 96 -67.71 26.10 2.08
C ALA B 96 -68.03 24.92 1.19
N GLN B 97 -69.18 24.27 1.43
CA GLN B 97 -69.56 23.07 0.66
C GLN B 97 -70.31 23.48 -0.61
N GLU B 98 -70.48 24.79 -0.84
CA GLU B 98 -71.24 25.30 -2.01
C GLU B 98 -70.68 24.70 -3.31
N GLY B 99 -69.35 24.62 -3.43
CA GLY B 99 -68.70 24.10 -4.66
C GLY B 99 -69.15 22.69 -4.99
N SER B 100 -69.33 21.83 -3.97
CA SER B 100 -69.76 20.43 -4.18
C SER B 100 -71.27 20.38 -4.45
N ILE B 101 -71.78 19.27 -5.00
CA ILE B 101 -73.24 19.13 -5.29
C ILE B 101 -73.81 18.05 -4.36
N ASN B 102 -75.14 17.99 -4.23
CA ASN B 102 -75.77 16.94 -3.39
C ASN B 102 -75.76 15.61 -4.13
N CYS B 103 -75.66 14.49 -3.39
CA CYS B 103 -75.71 13.14 -4.02
C CYS B 103 -76.56 12.21 -3.16
N THR B 104 -77.23 11.24 -3.77
CA THR B 104 -78.02 10.24 -3.02
C THR B 104 -77.82 8.89 -3.72
N SER B 105 -76.74 8.77 -4.49
CA SER B 105 -76.48 7.53 -5.27
C SER B 105 -76.34 6.33 -4.33
N GLU B 106 -75.67 6.49 -3.18
CA GLU B 106 -75.43 5.38 -2.21
C GLU B 106 -74.67 4.24 -2.92
N LYS B 107 -73.92 4.57 -3.97
CA LYS B 107 -73.13 3.57 -4.72
C LYS B 107 -71.90 4.33 -5.24
N TYR B 108 -70.90 3.62 -5.80
CA TYR B 108 -69.69 4.30 -6.22
C TYR B 108 -70.02 5.39 -7.23
N PHE B 109 -69.36 6.53 -7.09
CA PHE B 109 -69.63 7.69 -7.95
C PHE B 109 -68.57 7.76 -9.06
N PHE B 110 -68.68 6.80 -9.97
CA PHE B 110 -67.78 6.74 -11.12
C PHE B 110 -68.08 7.89 -12.07
N GLN B 111 -67.05 8.59 -12.52
CA GLN B 111 -67.17 9.66 -13.50
C GLN B 111 -66.03 9.52 -14.51
N GLU B 112 -66.37 9.44 -15.78
CA GLU B 112 -65.39 9.34 -16.85
C GLU B 112 -65.24 10.62 -17.66
N SER B 113 -66.12 11.59 -17.47
CA SER B 113 -66.14 12.79 -18.28
C SER B 113 -66.23 14.02 -17.39
N PHE B 114 -65.71 15.13 -17.89
CA PHE B 114 -65.62 16.37 -17.13
C PHE B 114 -66.83 17.26 -17.43
N LEU B 115 -67.84 17.14 -16.59
CA LEU B 115 -69.08 17.89 -16.78
C LEU B 115 -69.21 19.09 -15.85
N ALA B 116 -68.32 19.22 -14.86
CA ALA B 116 -68.33 20.37 -13.97
C ALA B 116 -67.64 21.55 -14.65
N PRO B 117 -67.80 22.76 -14.11
CA PRO B 117 -67.20 23.93 -14.75
C PRO B 117 -65.69 23.83 -14.92
N ASN B 118 -65.21 24.36 -16.05
CA ASN B 118 -63.82 24.28 -16.52
C ASN B 118 -63.22 22.89 -16.32
N HIS B 119 -63.81 21.92 -17.02
CA HIS B 119 -63.20 20.60 -17.23
C HIS B 119 -62.82 19.96 -15.90
N THR B 120 -63.82 19.76 -15.04
CA THR B 120 -63.63 19.14 -13.74
C THR B 120 -64.73 18.11 -13.52
N LYS B 121 -64.64 17.40 -12.40
CA LYS B 121 -65.60 16.35 -12.08
C LYS B 121 -66.35 16.72 -10.81
N PHE B 122 -67.56 16.20 -10.68
CA PHE B 122 -68.40 16.54 -9.54
C PHE B 122 -67.86 15.90 -8.26
N SER B 123 -68.03 16.62 -7.16
CA SER B 123 -67.85 16.09 -5.82
C SER B 123 -69.18 16.18 -5.08
N CYS B 124 -69.29 15.43 -3.99
CA CYS B 124 -70.54 15.34 -3.25
C CYS B 124 -70.44 16.17 -1.98
N LYS B 125 -71.58 16.67 -1.53
CA LYS B 125 -71.64 17.59 -0.41
C LYS B 125 -71.63 16.83 0.91
N PHE B 126 -70.70 17.16 1.79
CA PHE B 126 -70.72 16.67 3.17
C PHE B 126 -70.72 17.91 4.07
N THR B 127 -71.82 18.13 4.78
CA THR B 127 -71.98 19.32 5.59
C THR B 127 -71.78 19.02 7.06
N ALA B 128 -71.70 20.09 7.86
CA ALA B 128 -71.55 19.91 9.30
C ALA B 128 -72.74 19.18 9.91
N ASP B 129 -73.97 19.56 9.52
CA ASP B 129 -75.16 19.01 10.13
C ASP B 129 -75.26 17.49 9.97
N MET B 130 -74.61 16.91 8.97
CA MET B 130 -74.66 15.47 8.77
C MET B 130 -74.07 14.71 9.94
N LEU B 131 -73.26 15.38 10.77
CA LEU B 131 -72.78 14.82 12.02
C LEU B 131 -73.83 14.91 13.12
N GLN B 132 -74.92 15.63 12.90
CA GLN B 132 -76.01 15.75 13.84
C GLN B 132 -75.52 16.23 15.20
N ASN B 133 -75.31 15.26 16.09
CA ASN B 133 -75.25 15.53 17.51
C ASN B 133 -73.85 15.93 17.94
N CYS B 134 -72.84 15.59 17.14
CA CYS B 134 -71.47 16.04 17.36
C CYS B 134 -71.08 17.20 16.47
N SER B 135 -72.03 17.81 15.76
CA SER B 135 -71.73 18.78 14.72
C SER B 135 -71.49 20.18 15.24
N GLY B 136 -71.27 20.34 16.54
CA GLY B 136 -71.08 21.66 17.10
C GLY B 136 -72.36 22.43 17.34
N ARG B 137 -73.51 21.85 17.01
CA ARG B 137 -74.82 22.46 17.25
C ARG B 137 -75.80 21.35 17.65
N PRO B 138 -76.67 21.60 18.64
CA PRO B 138 -76.73 22.87 19.36
C PRO B 138 -75.80 22.92 20.58
N ASP B 139 -75.02 21.87 20.83
CA ASP B 139 -74.07 21.90 21.93
C ASP B 139 -72.70 22.29 21.41
N PRO B 140 -72.17 23.46 21.81
CA PRO B 140 -70.85 23.88 21.33
C PRO B 140 -69.68 23.15 21.97
N THR B 141 -69.87 22.38 23.04
CA THR B 141 -68.74 21.74 23.70
C THR B 141 -68.40 20.36 23.12
N PHE B 142 -69.20 19.85 22.18
CA PHE B 142 -69.01 18.53 21.58
C PHE B 142 -69.07 17.42 22.63
N GLY B 143 -69.81 17.63 23.70
CA GLY B 143 -69.94 16.62 24.73
C GLY B 143 -68.74 16.47 25.62
N PHE B 144 -67.68 17.26 25.39
CA PHE B 144 -66.54 17.24 26.30
C PHE B 144 -66.93 17.83 27.65
N ALA B 145 -68.01 18.60 27.70
CA ALA B 145 -68.50 19.16 28.95
C ALA B 145 -69.06 18.07 29.86
N GLU B 146 -69.78 17.12 29.28
CA GLU B 146 -70.51 16.12 30.05
C GLU B 146 -69.81 14.76 30.09
N GLY B 147 -68.54 14.69 29.69
CA GLY B 147 -67.80 13.45 29.77
C GLY B 147 -68.03 12.47 28.64
N LYS B 148 -68.81 12.85 27.64
CA LYS B 148 -69.04 11.98 26.49
C LYS B 148 -68.49 12.65 25.23
N PRO B 149 -67.17 12.69 25.10
CA PRO B 149 -66.56 13.49 24.03
C PRO B 149 -66.85 12.93 22.66
N CYS B 150 -66.87 13.82 21.67
CA CYS B 150 -67.24 13.47 20.31
C CYS B 150 -65.99 13.55 19.45
N PHE B 151 -65.56 12.41 18.91
CA PHE B 151 -64.31 12.30 18.15
C PHE B 151 -64.62 12.07 16.69
N ILE B 152 -64.06 12.92 15.82
CA ILE B 152 -64.28 12.80 14.39
C ILE B 152 -63.14 12.03 13.74
N ILE B 153 -63.48 10.95 13.06
CA ILE B 153 -62.51 10.07 12.40
C ILE B 153 -62.57 10.34 10.90
N LYS B 154 -61.41 10.57 10.29
CA LYS B 154 -61.30 10.86 8.88
C LYS B 154 -60.34 9.90 8.20
N MET B 155 -60.63 9.56 6.96
CA MET B 155 -59.83 8.63 6.16
C MET B 155 -59.01 9.42 5.15
N ASN B 156 -57.74 9.05 5.01
CA ASN B 156 -56.86 9.70 4.04
C ASN B 156 -57.30 9.36 2.62
N ARG B 157 -57.52 10.39 1.81
CA ARG B 157 -58.07 10.16 0.46
C ARG B 157 -56.96 9.76 -0.50
N ILE B 158 -57.23 8.76 -1.33
CA ILE B 158 -56.28 8.25 -2.31
C ILE B 158 -57.00 8.20 -3.64
N VAL B 159 -56.30 8.59 -4.72
CA VAL B 159 -56.94 8.70 -6.02
C VAL B 159 -57.26 7.32 -6.59
N LYS B 160 -58.48 7.18 -7.12
CA LYS B 160 -58.94 5.96 -7.78
C LYS B 160 -58.95 4.77 -6.83
N PHE B 161 -59.13 5.02 -5.54
CA PHE B 161 -59.15 3.97 -4.54
C PHE B 161 -60.59 3.69 -4.18
N LEU B 162 -60.96 2.42 -4.21
CA LEU B 162 -62.30 1.96 -3.89
C LEU B 162 -62.24 1.08 -2.64
N PRO B 163 -62.98 1.39 -1.59
CA PRO B 163 -62.84 0.61 -0.36
C PRO B 163 -63.71 -0.64 -0.31
N GLY B 164 -64.25 -1.05 -1.45
CA GLY B 164 -65.13 -2.21 -1.52
C GLY B 164 -66.59 -1.82 -1.35
N ASN B 165 -67.45 -2.31 -2.24
CA ASN B 165 -68.84 -1.87 -2.26
C ASN B 165 -69.83 -2.95 -1.86
N SER B 166 -69.39 -3.98 -1.15
CA SER B 166 -70.35 -4.91 -0.54
C SER B 166 -71.24 -4.18 0.45
N THR B 167 -70.65 -3.27 1.22
CA THR B 167 -71.38 -2.37 2.10
C THR B 167 -70.50 -1.16 2.36
N ALA B 168 -71.11 -0.08 2.81
CA ALA B 168 -70.34 1.14 3.01
C ALA B 168 -69.27 0.90 4.07
N PRO B 169 -68.06 1.43 3.89
CA PRO B 169 -67.01 1.25 4.90
C PRO B 169 -67.46 1.82 6.23
N ARG B 170 -67.14 1.12 7.30
CA ARG B 170 -67.69 1.42 8.61
C ARG B 170 -66.59 1.61 9.64
N VAL B 171 -66.90 2.37 10.69
CA VAL B 171 -66.01 2.58 11.82
C VAL B 171 -66.48 1.70 12.98
N ASP B 172 -65.52 1.05 13.64
CA ASP B 172 -65.76 0.30 14.87
C ASP B 172 -64.67 0.66 15.87
N CYS B 173 -65.02 1.47 16.87
CA CYS B 173 -64.09 1.91 17.90
C CYS B 173 -64.28 1.06 19.16
N ALA B 174 -63.18 0.68 19.79
CA ALA B 174 -63.21 -0.13 21.00
C ALA B 174 -61.96 0.11 21.82
N PHE B 175 -62.00 -0.35 23.07
CA PHE B 175 -60.82 -0.35 23.92
C PHE B 175 -59.79 -1.32 23.35
N LEU B 176 -58.52 -0.90 23.35
CA LEU B 176 -57.46 -1.77 22.87
C LEU B 176 -57.26 -2.97 23.79
N ASP B 177 -57.32 -2.73 25.10
CA ASP B 177 -57.19 -3.78 26.12
C ASP B 177 -58.41 -3.69 27.02
N GLN B 178 -59.35 -4.62 26.84
CA GLN B 178 -60.63 -4.54 27.54
C GLN B 178 -60.45 -4.97 28.99
N PRO B 179 -60.71 -4.10 29.97
CA PRO B 179 -60.65 -4.53 31.37
C PRO B 179 -61.69 -5.61 31.66
N ARG B 180 -61.28 -6.59 32.47
CA ARG B 180 -62.10 -7.78 32.69
C ARG B 180 -63.45 -7.42 33.32
N ASP B 181 -63.42 -6.54 34.32
CA ASP B 181 -64.65 -6.03 34.90
C ASP B 181 -65.23 -4.87 34.09
N GLY B 182 -64.50 -4.39 33.08
CA GLY B 182 -64.96 -3.28 32.27
C GLY B 182 -65.89 -3.71 31.16
N PRO B 183 -66.96 -2.95 30.95
CA PRO B 183 -67.87 -3.24 29.85
C PRO B 183 -67.31 -2.72 28.54
N PRO B 184 -67.61 -3.39 27.43
CA PRO B 184 -67.07 -2.94 26.14
C PRO B 184 -67.53 -1.53 25.82
N LEU B 185 -66.65 -0.78 25.17
CA LEU B 185 -66.87 0.65 24.93
C LEU B 185 -68.05 0.88 23.99
N GLN B 186 -69.12 1.50 24.50
CA GLN B 186 -70.25 1.82 23.64
C GLN B 186 -70.07 3.22 23.07
N VAL B 187 -70.15 3.33 21.75
CA VAL B 187 -70.00 4.59 21.04
C VAL B 187 -71.19 4.74 20.10
N GLU B 188 -71.83 5.90 20.14
CA GLU B 188 -72.83 6.25 19.14
C GLU B 188 -72.15 6.97 17.99
N TYR B 189 -72.49 6.58 16.77
CA TYR B 189 -71.84 7.05 15.57
C TYR B 189 -72.81 7.94 14.79
N PHE B 190 -72.27 8.93 14.10
CA PHE B 190 -73.04 9.81 13.22
C PHE B 190 -72.25 9.96 11.94
N PRO B 191 -72.80 9.57 10.76
CA PRO B 191 -74.08 8.98 10.36
C PRO B 191 -74.29 7.55 10.87
N ALA B 192 -75.49 7.01 10.65
CA ALA B 192 -75.85 5.71 11.19
C ALA B 192 -74.83 4.64 10.79
N ASN B 193 -74.43 3.83 11.77
CA ASN B 193 -73.33 2.86 11.73
C ASN B 193 -71.95 3.50 11.69
N GLY B 194 -71.84 4.81 11.53
CA GLY B 194 -70.53 5.39 11.36
C GLY B 194 -69.91 4.98 10.05
N THR B 195 -70.68 5.08 8.96
CA THR B 195 -70.26 4.61 7.65
C THR B 195 -69.96 5.79 6.74
N TYR B 196 -68.98 5.61 5.87
CA TYR B 196 -68.70 6.57 4.82
C TYR B 196 -69.49 6.17 3.58
N SER B 197 -70.37 7.03 3.11
CA SER B 197 -71.24 6.66 2.01
C SER B 197 -70.44 6.43 0.75
N LEU B 198 -70.88 5.48 -0.07
CA LEU B 198 -70.08 5.03 -1.20
C LEU B 198 -69.98 6.06 -2.31
N HIS B 199 -70.83 7.09 -2.33
CA HIS B 199 -70.78 8.04 -3.42
C HIS B 199 -69.68 9.08 -3.23
N TYR B 200 -69.00 9.06 -2.09
CA TYR B 200 -67.82 9.91 -1.92
C TYR B 200 -66.60 9.32 -2.58
N PHE B 201 -66.66 8.04 -2.94
CA PHE B 201 -65.57 7.36 -3.63
C PHE B 201 -65.95 7.05 -5.07
N PRO B 202 -64.98 7.04 -5.98
CA PRO B 202 -63.57 7.34 -5.77
C PRO B 202 -63.23 8.82 -5.74
N TYR B 203 -62.09 9.14 -5.13
CA TYR B 203 -61.48 10.46 -5.23
C TYR B 203 -60.68 10.52 -6.52
N TYR B 204 -60.83 11.61 -7.27
CA TYR B 204 -60.19 11.72 -8.58
C TYR B 204 -59.01 12.67 -8.59
N GLY B 205 -58.70 13.29 -7.46
CA GLY B 205 -57.53 14.15 -7.39
C GLY B 205 -57.89 15.62 -7.20
N LYS B 206 -56.89 16.39 -6.78
CA LYS B 206 -57.10 17.79 -6.47
C LYS B 206 -57.43 18.60 -7.72
N LYS B 207 -56.92 18.16 -8.87
CA LYS B 207 -57.15 18.86 -10.12
C LYS B 207 -58.52 18.52 -10.71
N ALA B 208 -58.92 17.25 -10.63
CA ALA B 208 -60.21 16.84 -11.15
C ALA B 208 -61.36 17.31 -10.27
N GLN B 209 -61.17 17.24 -8.94
CA GLN B 209 -62.19 17.64 -7.96
C GLN B 209 -61.57 18.63 -6.99
N PRO B 210 -61.48 19.91 -7.38
CA PRO B 210 -60.85 20.89 -6.48
C PRO B 210 -61.64 21.18 -5.21
N HIS B 211 -62.94 20.84 -5.17
CA HIS B 211 -63.78 21.11 -4.01
C HIS B 211 -64.10 19.87 -3.19
N TYR B 212 -63.42 18.75 -3.41
CA TYR B 212 -63.71 17.52 -2.70
C TYR B 212 -63.50 17.71 -1.20
N SER B 213 -64.45 17.20 -0.41
CA SER B 213 -64.32 17.14 1.03
C SER B 213 -64.52 15.71 1.49
N ASN B 214 -63.61 15.21 2.31
CA ASN B 214 -63.71 13.84 2.79
C ASN B 214 -64.97 13.67 3.63
N PRO B 215 -65.62 12.52 3.57
CA PRO B 215 -66.69 12.23 4.52
C PRO B 215 -66.14 12.09 5.93
N LEU B 216 -66.98 12.37 6.91
CA LEU B 216 -66.60 12.31 8.32
C LEU B 216 -67.47 11.30 9.05
N VAL B 217 -66.96 10.78 10.16
CA VAL B 217 -67.73 9.96 11.08
C VAL B 217 -67.47 10.46 12.49
N ALA B 218 -68.52 10.82 13.19
CA ALA B 218 -68.40 11.33 14.55
C ALA B 218 -68.69 10.19 15.53
N ALA B 219 -67.73 9.88 16.38
CA ALA B 219 -67.86 8.80 17.36
C ALA B 219 -67.97 9.42 18.74
N LYS B 220 -69.17 9.35 19.32
CA LYS B 220 -69.45 9.87 20.65
C LYS B 220 -69.28 8.72 21.64
N LEU B 221 -68.27 8.80 22.49
CA LEU B 221 -68.02 7.76 23.49
C LEU B 221 -68.93 8.00 24.68
N LEU B 222 -69.51 6.92 25.21
CA LEU B 222 -70.44 7.01 26.33
C LEU B 222 -70.04 6.17 27.52
N ASN B 223 -69.03 5.31 27.37
CA ASN B 223 -68.66 4.33 28.38
C ASN B 223 -67.20 4.51 28.76
N VAL B 224 -66.82 5.74 29.05
CA VAL B 224 -65.46 6.06 29.46
C VAL B 224 -65.47 6.26 30.98
N PRO B 225 -64.88 5.34 31.75
CA PRO B 225 -64.82 5.55 33.20
C PRO B 225 -63.97 6.76 33.53
N ARG B 226 -64.41 7.53 34.51
CA ARG B 226 -63.72 8.75 34.90
C ARG B 226 -62.47 8.40 35.70
N ASN B 227 -61.47 9.28 35.61
CA ASN B 227 -60.21 9.15 36.33
C ASN B 227 -59.49 7.84 36.06
N ARG B 228 -59.59 7.34 34.84
CA ARG B 228 -58.91 6.10 34.44
C ARG B 228 -58.26 6.31 33.09
N ASP B 229 -57.05 5.81 32.93
CA ASP B 229 -56.31 5.97 31.69
C ASP B 229 -56.64 4.83 30.74
N VAL B 230 -57.38 5.14 29.68
CA VAL B 230 -57.89 4.12 28.77
C VAL B 230 -57.33 4.37 27.39
N VAL B 231 -57.15 3.29 26.64
CA VAL B 231 -56.63 3.32 25.28
C VAL B 231 -57.71 2.79 24.35
N ILE B 232 -58.03 3.56 23.32
CA ILE B 232 -59.14 3.26 22.41
C ILE B 232 -58.59 3.21 20.99
N VAL B 233 -58.95 2.16 20.25
CA VAL B 233 -58.51 1.97 18.87
C VAL B 233 -59.72 2.01 17.95
N CYS B 234 -59.67 2.87 16.94
CA CYS B 234 -60.72 2.98 15.94
C CYS B 234 -60.22 2.40 14.62
N LYS B 235 -60.96 1.45 14.07
CA LYS B 235 -60.59 0.78 12.83
C LYS B 235 -61.65 1.03 11.77
N ILE B 236 -61.23 0.92 10.51
CA ILE B 236 -62.13 1.07 9.36
C ILE B 236 -62.40 -0.33 8.82
N LEU B 237 -63.66 -0.73 8.84
CA LEU B 237 -64.05 -2.07 8.40
C LEU B 237 -64.53 -1.98 6.96
N ALA B 238 -63.55 -1.92 6.06
CA ALA B 238 -63.80 -1.95 4.63
C ALA B 238 -63.05 -3.14 4.05
N GLU B 239 -63.48 -3.58 2.87
CA GLU B 239 -62.88 -4.75 2.26
C GLU B 239 -61.43 -4.50 1.84
N HIS B 240 -61.16 -3.33 1.26
CA HIS B 240 -59.83 -3.01 0.75
C HIS B 240 -59.08 -2.05 1.66
N VAL B 241 -59.42 -2.04 2.94
CA VAL B 241 -58.69 -1.31 3.96
C VAL B 241 -58.13 -2.35 4.92
N SER B 242 -56.81 -2.38 5.06
CA SER B 242 -56.13 -3.33 5.93
C SER B 242 -55.42 -2.57 7.04
N PHE B 243 -55.46 -3.11 8.25
CA PHE B 243 -54.87 -2.47 9.41
C PHE B 243 -53.89 -3.40 10.11
N ASP B 244 -53.10 -4.14 9.32
CA ASP B 244 -52.12 -5.06 9.87
C ASP B 244 -50.72 -4.67 9.44
N ASN B 245 -50.38 -3.39 9.53
CA ASN B 245 -49.06 -2.91 9.16
C ASN B 245 -48.33 -2.47 10.42
N PRO B 246 -47.49 -3.31 11.01
CA PRO B 246 -46.81 -2.91 12.26
C PRO B 246 -45.90 -1.69 12.08
N HIS B 247 -45.40 -1.47 10.87
CA HIS B 247 -44.50 -0.33 10.65
C HIS B 247 -45.27 0.99 10.62
N ASP B 248 -46.50 0.98 10.08
CA ASP B 248 -47.32 2.19 10.06
C ASP B 248 -48.55 2.01 10.94
N PRO B 249 -48.61 2.64 12.10
CA PRO B 249 -49.74 2.44 13.01
C PRO B 249 -51.04 3.11 12.59
N TYR B 250 -51.01 4.06 11.65
CA TYR B 250 -52.21 4.81 11.29
C TYR B 250 -52.86 4.30 10.02
N GLU B 251 -52.42 3.17 9.49
CA GLU B 251 -52.89 2.65 8.21
C GLU B 251 -54.15 1.82 8.47
N GLY B 252 -55.31 2.43 8.21
CA GLY B 252 -56.58 1.76 8.37
C GLY B 252 -57.14 1.80 9.78
N LYS B 253 -56.40 2.32 10.74
CA LYS B 253 -56.81 2.32 12.14
C LYS B 253 -56.08 3.43 12.88
N VAL B 254 -56.72 3.95 13.91
CA VAL B 254 -56.12 5.01 14.72
C VAL B 254 -56.35 4.69 16.19
N GLU B 255 -55.30 4.83 17.00
CA GLU B 255 -55.35 4.59 18.44
C GLU B 255 -55.02 5.86 19.18
N PHE B 256 -55.68 6.08 20.32
CA PHE B 256 -55.41 7.25 21.12
C PHE B 256 -55.65 6.98 22.60
N LYS B 257 -54.75 7.49 23.43
CA LYS B 257 -54.90 7.36 24.87
C LYS B 257 -55.78 8.49 25.40
N LEU B 258 -56.82 8.12 26.13
CA LEU B 258 -57.82 9.07 26.62
C LEU B 258 -57.87 8.95 28.13
N LYS B 259 -57.94 10.09 28.81
CA LYS B 259 -58.08 10.15 30.26
C LYS B 259 -59.04 11.28 30.59
N ILE B 260 -60.28 10.92 30.94
CA ILE B 260 -61.25 11.94 31.33
C ILE B 260 -61.25 12.06 32.85
N GLN B 261 -60.99 13.26 33.33
CA GLN B 261 -60.84 13.51 34.76
C GLN B 261 -62.12 14.11 35.32
N LYS B 262 -62.19 14.19 36.64
CA LYS B 262 -63.41 14.63 37.29
C LYS B 262 -63.10 15.49 38.51
#